data_8UWQ
#
_entry.id   8UWQ
#
_cell.length_a   188.936
_cell.length_b   75.995
_cell.length_c   112.160
_cell.angle_alpha   90.00
_cell.angle_beta   121.29
_cell.angle_gamma   90.00
#
_symmetry.space_group_name_H-M   'C 1 2 1'
#
loop_
_entity.id
_entity.type
_entity.pdbx_description
1 polymer BT1282
2 water water
#
_entity_poly.entity_id   1
_entity_poly.type   'polypeptide(L)'
_entity_poly.pdbx_seq_one_letter_code
;TETEQVDYGVTTPDGQNPELYARYTQAVRNYKSRKHYAVCVRFDNGHSGDGEKDFLRSMPDSIDAVILENAATLNSADLE
DIPVLQTNFATKVLFSFNLTSIKENAESSGQEIKTLLAPALEQMVSAITDNGLDGASISYTGDIGLGNNAAVNASITEMR
QLLLDKITPLAKNGKIFFLESNPLFIPEANRDVFTRYVLNTTSSKNASQLRLLINEAIYYAGIPSDKLLITGDPELMTTD
NNDGLVSQVPFFAIQVIDCGPIGGLMIQNVAADYSHANITYKETRGAIQTLNPSPLK
;
_entity_poly.pdbx_strand_id   A,B,C,D
#
# COMPACT_ATOMS: atom_id res chain seq x y z
N GLU A 19 -29.32 2.97 -2.61
CA GLU A 19 -29.72 2.91 -4.01
C GLU A 19 -28.62 2.29 -4.87
N LEU A 20 -29.03 1.37 -5.76
CA LEU A 20 -28.11 0.82 -6.75
C LEU A 20 -27.46 1.94 -7.56
N TYR A 21 -28.21 3.00 -7.85
CA TYR A 21 -27.69 4.05 -8.72
C TYR A 21 -26.52 4.79 -8.06
N ALA A 22 -26.63 5.09 -6.77
CA ALA A 22 -25.53 5.78 -6.12
C ALA A 22 -24.29 4.90 -6.10
N ARG A 23 -24.48 3.58 -5.94
CA ARG A 23 -23.35 2.66 -6.00
C ARG A 23 -22.72 2.69 -7.38
N TYR A 24 -23.54 2.88 -8.42
CA TYR A 24 -23.03 2.91 -9.78
C TYR A 24 -22.26 4.19 -10.06
N THR A 25 -22.79 5.35 -9.62
CA THR A 25 -22.05 6.59 -9.90
C THR A 25 -20.73 6.61 -9.14
N GLN A 26 -20.74 6.10 -7.91
CA GLN A 26 -19.50 5.98 -7.15
C GLN A 26 -18.50 5.08 -7.88
N ALA A 27 -18.99 4.00 -8.50
CA ALA A 27 -18.13 3.18 -9.34
C ALA A 27 -17.61 3.97 -10.55
N VAL A 28 -18.43 4.83 -11.16
CA VAL A 28 -17.95 5.65 -12.28
C VAL A 28 -16.85 6.61 -11.80
N ARG A 29 -17.10 7.33 -10.70
CA ARG A 29 -16.09 8.25 -10.18
C ARG A 29 -14.83 7.50 -9.73
N ASN A 30 -14.98 6.32 -9.13
CA ASN A 30 -13.83 5.51 -8.73
C ASN A 30 -13.02 5.08 -9.94
N TYR A 31 -13.70 4.63 -11.00
CA TYR A 31 -13.02 4.29 -12.24
C TYR A 31 -12.16 5.44 -12.73
N LYS A 32 -12.71 6.67 -12.73
CA LYS A 32 -11.94 7.78 -13.28
C LYS A 32 -10.75 8.19 -12.42
N SER A 33 -10.70 7.82 -11.13
CA SER A 33 -9.56 8.20 -10.29
C SER A 33 -8.45 7.16 -10.34
N ARG A 34 -8.73 5.96 -10.84
CA ARG A 34 -7.68 4.97 -10.99
C ARG A 34 -6.94 5.24 -12.29
N LYS A 35 -5.78 4.62 -12.43
CA LYS A 35 -5.02 4.77 -13.65
C LYS A 35 -5.76 4.11 -14.81
N HIS A 36 -5.87 4.83 -15.93
CA HIS A 36 -6.55 4.31 -17.11
C HIS A 36 -6.20 5.19 -18.29
N TYR A 37 -6.41 4.66 -19.50
CA TYR A 37 -6.28 5.48 -20.68
C TYR A 37 -7.47 6.43 -20.81
N ALA A 38 -7.18 7.71 -20.96
CA ALA A 38 -8.22 8.71 -21.02
C ALA A 38 -8.93 8.67 -22.36
N VAL A 39 -10.24 8.93 -22.35
CA VAL A 39 -11.01 9.17 -23.57
C VAL A 39 -11.72 10.50 -23.41
N CYS A 40 -11.35 11.47 -24.24
CA CYS A 40 -11.89 12.81 -24.20
C CYS A 40 -12.59 13.09 -25.53
N VAL A 41 -13.58 13.98 -25.50
CA VAL A 41 -14.39 14.25 -26.69
C VAL A 41 -14.54 15.75 -26.88
N ARG A 42 -14.67 16.17 -28.14
CA ARG A 42 -15.02 17.55 -28.48
C ARG A 42 -16.48 17.60 -28.91
N PHE A 43 -17.30 18.37 -28.18
CA PHE A 43 -18.74 18.37 -28.41
C PHE A 43 -19.20 19.73 -28.90
N ASP A 44 -20.00 19.72 -29.95
CA ASP A 44 -20.56 20.92 -30.57
C ASP A 44 -21.82 21.30 -29.79
N ASN A 45 -21.64 22.09 -28.72
CA ASN A 45 -22.73 22.30 -27.78
C ASN A 45 -23.56 23.51 -28.16
N GLY A 46 -24.66 23.70 -27.44
CA GLY A 46 -25.42 24.92 -27.53
C GLY A 46 -26.44 25.01 -28.64
N HIS A 47 -26.64 23.94 -29.41
CA HIS A 47 -27.67 23.90 -30.44
C HIS A 47 -28.99 23.39 -29.86
N SER A 48 -30.08 23.66 -30.57
CA SER A 48 -31.37 23.06 -30.26
C SER A 48 -32.09 22.77 -31.58
N GLY A 49 -33.29 22.22 -31.49
CA GLY A 49 -34.03 21.83 -32.69
C GLY A 49 -33.64 20.50 -33.29
N ASP A 50 -32.49 19.96 -32.91
CA ASP A 50 -32.22 18.55 -33.14
C ASP A 50 -32.83 17.85 -31.93
N GLY A 51 -32.46 16.61 -31.66
CA GLY A 51 -33.09 15.95 -30.52
C GLY A 51 -32.19 15.92 -29.30
N GLU A 52 -32.22 14.77 -28.60
CA GLU A 52 -31.33 14.52 -27.47
C GLU A 52 -29.86 14.73 -27.79
N LYS A 53 -29.47 14.66 -29.07
CA LYS A 53 -28.06 14.85 -29.40
C LYS A 53 -27.62 16.30 -29.24
N ASP A 54 -28.53 17.23 -28.98
CA ASP A 54 -28.13 18.60 -28.69
C ASP A 54 -27.53 18.74 -27.29
N PHE A 55 -27.72 17.77 -26.41
CA PHE A 55 -27.53 17.96 -24.97
C PHE A 55 -26.30 17.25 -24.42
N LEU A 56 -25.64 17.95 -23.48
CA LEU A 56 -24.54 17.41 -22.71
C LEU A 56 -24.96 16.20 -21.87
N ARG A 57 -26.19 16.19 -21.36
CA ARG A 57 -26.60 15.04 -20.58
CA ARG A 57 -26.86 15.06 -20.70
C ARG A 57 -26.53 13.74 -21.38
N SER A 58 -26.46 13.80 -22.71
CA SER A 58 -26.38 12.60 -23.52
C SER A 58 -24.99 11.97 -23.54
N MET A 59 -23.95 12.67 -23.07
CA MET A 59 -22.61 12.10 -23.03
C MET A 59 -22.60 10.79 -22.25
N PRO A 60 -21.81 9.80 -22.67
CA PRO A 60 -21.60 8.61 -21.83
C PRO A 60 -21.03 8.98 -20.47
N ASP A 61 -21.50 8.27 -19.42
CA ASP A 61 -21.04 8.53 -18.06
C ASP A 61 -19.54 8.29 -17.88
N SER A 62 -18.91 7.54 -18.77
CA SER A 62 -17.54 7.11 -18.56
C SER A 62 -16.50 7.90 -19.32
N ILE A 63 -16.89 8.94 -20.08
CA ILE A 63 -15.87 9.78 -20.68
C ILE A 63 -15.13 10.56 -19.61
N ASP A 64 -13.86 10.83 -19.88
CA ASP A 64 -13.06 11.55 -18.89
C ASP A 64 -13.27 13.05 -19.00
N ALA A 65 -13.43 13.57 -20.22
CA ALA A 65 -13.61 15.00 -20.37
C ALA A 65 -14.38 15.27 -21.67
N VAL A 66 -15.17 16.33 -21.61
CA VAL A 66 -15.85 16.86 -22.78
C VAL A 66 -15.44 18.32 -22.95
N ILE A 67 -14.94 18.64 -24.15
CA ILE A 67 -14.51 19.97 -24.53
C ILE A 67 -15.67 20.63 -25.27
N LEU A 68 -16.14 21.76 -24.73
CA LEU A 68 -17.26 22.50 -25.31
C LEU A 68 -16.75 23.40 -26.45
N GLU A 69 -17.21 23.12 -27.66
CA GLU A 69 -16.81 23.90 -28.84
C GLU A 69 -17.18 25.36 -28.68
N ASN A 70 -18.37 25.63 -28.13
CA ASN A 70 -18.94 26.96 -28.04
C ASN A 70 -19.15 27.29 -26.56
N ALA A 71 -18.09 27.74 -25.92
CA ALA A 71 -18.07 27.85 -24.47
C ALA A 71 -18.09 29.29 -23.95
N ALA A 72 -18.06 30.30 -24.83
CA ALA A 72 -17.95 31.68 -24.37
C ALA A 72 -19.20 32.09 -23.57
N THR A 73 -20.38 31.82 -24.12
CA THR A 73 -21.64 32.04 -23.43
C THR A 73 -22.47 30.77 -23.51
N LEU A 74 -22.96 30.30 -22.37
CA LEU A 74 -23.63 29.01 -22.29
C LEU A 74 -25.12 29.19 -22.08
N ASN A 75 -25.91 28.34 -22.75
CA ASN A 75 -27.36 28.39 -22.59
C ASN A 75 -27.80 27.62 -21.34
N SER A 76 -29.11 27.57 -21.13
CA SER A 76 -29.63 27.02 -19.89
C SER A 76 -29.46 25.51 -19.84
N ALA A 77 -29.51 24.84 -20.99
CA ALA A 77 -29.34 23.40 -21.00
C ALA A 77 -27.92 23.02 -20.57
N ASP A 78 -26.93 23.74 -21.05
CA ASP A 78 -25.56 23.39 -20.71
C ASP A 78 -25.28 23.68 -19.24
N LEU A 79 -25.78 24.83 -18.72
CA LEU A 79 -25.52 25.17 -17.33
C LEU A 79 -26.23 24.23 -16.37
N GLU A 80 -27.30 23.56 -16.79
CA GLU A 80 -27.88 22.57 -15.89
C GLU A 80 -27.11 21.26 -15.96
N ASP A 81 -26.64 20.90 -17.16
CA ASP A 81 -26.04 19.59 -17.36
C ASP A 81 -24.63 19.52 -16.79
N ILE A 82 -23.86 20.61 -16.87
CA ILE A 82 -22.45 20.55 -16.47
C ILE A 82 -22.28 20.12 -15.02
N PRO A 83 -22.96 20.70 -14.02
CA PRO A 83 -22.76 20.25 -12.64
C PRO A 83 -23.22 18.83 -12.40
N VAL A 84 -24.18 18.33 -13.18
CA VAL A 84 -24.54 16.93 -13.09
C VAL A 84 -23.37 16.05 -13.52
N LEU A 85 -22.83 16.31 -14.72
CA LEU A 85 -21.70 15.55 -15.23
C LEU A 85 -20.55 15.54 -14.23
N GLN A 86 -20.23 16.73 -13.68
CA GLN A 86 -19.12 16.82 -12.73
C GLN A 86 -19.43 16.06 -11.46
N THR A 87 -20.61 16.29 -10.90
CA THR A 87 -20.94 15.77 -9.58
C THR A 87 -21.25 14.29 -9.60
N ASN A 88 -22.01 13.83 -10.59
CA ASN A 88 -22.37 12.41 -10.61
C ASN A 88 -21.23 11.54 -11.16
N PHE A 89 -20.55 12.01 -12.22
CA PHE A 89 -19.61 11.13 -12.91
C PHE A 89 -18.18 11.59 -12.88
N ALA A 90 -17.88 12.72 -12.22
CA ALA A 90 -16.53 13.28 -12.22
C ALA A 90 -16.04 13.46 -13.66
N THR A 91 -16.96 13.77 -14.58
CA THR A 91 -16.59 14.14 -15.93
C THR A 91 -16.11 15.59 -15.95
N LYS A 92 -14.99 15.84 -16.64
CA LYS A 92 -14.43 17.19 -16.72
C LYS A 92 -15.01 17.92 -17.92
N VAL A 93 -15.23 19.23 -17.74
CA VAL A 93 -15.82 20.07 -18.79
C VAL A 93 -14.87 21.22 -19.06
N LEU A 94 -14.38 21.32 -20.30
CA LEU A 94 -13.33 22.26 -20.67
C LEU A 94 -13.80 23.24 -21.74
N PHE A 95 -13.26 24.45 -21.64
CA PHE A 95 -13.51 25.54 -22.58
C PHE A 95 -12.61 25.35 -23.81
N SER A 96 -13.21 25.37 -25.00
CA SER A 96 -12.43 25.29 -26.23
C SER A 96 -11.98 26.69 -26.62
N PHE A 97 -10.67 26.89 -26.70
CA PHE A 97 -10.10 28.18 -27.05
C PHE A 97 -9.34 28.03 -28.36
N ASN A 98 -9.83 28.70 -29.40
CA ASN A 98 -9.25 28.64 -30.74
C ASN A 98 -8.24 29.78 -30.86
N LEU A 99 -6.98 29.48 -30.53
CA LEU A 99 -5.92 30.48 -30.63
C LEU A 99 -5.68 30.89 -32.08
N THR A 100 -5.72 29.93 -33.00
CA THR A 100 -5.52 30.21 -34.41
C THR A 100 -6.50 31.27 -34.91
N SER A 101 -7.78 31.17 -34.50
CA SER A 101 -8.77 32.16 -34.90
C SER A 101 -8.40 33.55 -34.43
N ILE A 102 -7.85 33.65 -33.22
CA ILE A 102 -7.42 34.96 -32.71
C ILE A 102 -6.31 35.51 -33.60
N LYS A 103 -5.32 34.68 -33.91
CA LYS A 103 -4.19 35.14 -34.71
C LYS A 103 -4.66 35.58 -36.10
N GLU A 104 -5.61 34.86 -36.69
CA GLU A 104 -6.04 35.17 -38.04
C GLU A 104 -6.82 36.48 -38.10
N ASN A 105 -7.68 36.73 -37.11
CA ASN A 105 -8.45 37.98 -37.11
C ASN A 105 -7.56 39.17 -36.81
N ALA A 106 -6.56 39.00 -35.93
CA ALA A 106 -5.60 40.07 -35.70
C ALA A 106 -4.86 40.44 -36.98
N GLU A 107 -4.49 39.43 -37.78
CA GLU A 107 -3.73 39.69 -39.00
C GLU A 107 -4.62 40.31 -40.08
N SER A 108 -5.79 39.71 -40.33
CA SER A 108 -6.64 40.21 -41.41
C SER A 108 -7.17 41.62 -41.14
N SER A 109 -7.05 42.14 -39.93
CA SER A 109 -7.49 43.50 -39.61
C SER A 109 -6.34 44.40 -39.19
N GLY A 110 -5.10 43.91 -39.29
CA GLY A 110 -3.94 44.74 -39.01
C GLY A 110 -3.76 45.13 -37.57
N GLN A 111 -4.41 44.44 -36.64
CA GLN A 111 -4.23 44.71 -35.22
C GLN A 111 -3.15 43.80 -34.67
N GLU A 112 -2.47 44.27 -33.63
CA GLU A 112 -1.53 43.39 -32.94
C GLU A 112 -2.30 42.25 -32.28
N ILE A 113 -1.74 41.02 -32.33
CA ILE A 113 -2.26 39.91 -31.53
C ILE A 113 -2.78 40.37 -30.17
N LYS A 114 -1.89 40.95 -29.37
CA LYS A 114 -2.24 41.37 -28.02
C LYS A 114 -3.63 41.99 -27.94
N THR A 115 -4.02 42.73 -28.98
CA THR A 115 -5.26 43.51 -28.93
C THR A 115 -6.49 42.60 -28.91
N LEU A 116 -6.51 41.57 -29.74
CA LEU A 116 -7.62 40.64 -29.70
C LEU A 116 -7.44 39.56 -28.65
N LEU A 117 -6.18 39.23 -28.32
CA LEU A 117 -5.88 38.07 -27.48
C LEU A 117 -6.18 38.33 -26.01
N ALA A 118 -5.78 39.49 -25.48
CA ALA A 118 -5.99 39.77 -24.06
C ALA A 118 -7.46 39.75 -23.67
N PRO A 119 -8.39 40.42 -24.36
CA PRO A 119 -9.80 40.31 -23.93
C PRO A 119 -10.39 38.92 -24.16
N ALA A 120 -10.01 38.23 -25.23
CA ALA A 120 -10.45 36.86 -25.42
C ALA A 120 -10.02 35.98 -24.23
N LEU A 121 -8.80 36.20 -23.73
CA LEU A 121 -8.30 35.45 -22.59
C LEU A 121 -9.07 35.78 -21.29
N GLU A 122 -9.37 37.06 -21.03
CA GLU A 122 -10.18 37.39 -19.85
C GLU A 122 -11.57 36.78 -19.95
N GLN A 123 -12.15 36.76 -21.16
CA GLN A 123 -13.42 36.09 -21.35
C GLN A 123 -13.33 34.62 -20.95
N MET A 124 -12.32 33.90 -21.45
CA MET A 124 -12.12 32.50 -21.09
C MET A 124 -11.97 32.32 -19.58
N VAL A 125 -11.10 33.12 -18.95
CA VAL A 125 -10.90 32.98 -17.51
C VAL A 125 -12.22 33.24 -16.79
N SER A 126 -12.93 34.30 -17.19
CA SER A 126 -14.21 34.58 -16.56
C SER A 126 -15.22 33.47 -16.85
N ALA A 127 -15.25 32.97 -18.09
CA ALA A 127 -16.13 31.85 -18.40
C ALA A 127 -15.84 30.66 -17.50
N ILE A 128 -14.55 30.33 -17.37
CA ILE A 128 -14.16 29.17 -16.58
C ILE A 128 -14.60 29.35 -15.14
N THR A 129 -14.34 30.54 -14.59
CA THR A 129 -14.61 30.83 -13.18
C THR A 129 -16.11 30.91 -12.89
N ASP A 130 -16.85 31.68 -13.70
CA ASP A 130 -18.26 31.90 -13.39
C ASP A 130 -19.13 30.71 -13.75
N ASN A 131 -18.78 29.97 -14.80
CA ASN A 131 -19.56 28.80 -15.20
C ASN A 131 -19.06 27.51 -14.57
N GLY A 132 -18.05 27.58 -13.70
CA GLY A 132 -17.55 26.39 -13.02
C GLY A 132 -16.98 25.34 -13.95
N LEU A 133 -16.22 25.76 -14.96
CA LEU A 133 -15.59 24.81 -15.87
C LEU A 133 -14.30 24.31 -15.25
N ASP A 134 -13.81 23.19 -15.77
CA ASP A 134 -12.65 22.52 -15.20
C ASP A 134 -11.34 22.90 -15.88
N GLY A 135 -11.35 23.81 -16.85
CA GLY A 135 -10.13 24.12 -17.56
C GLY A 135 -10.42 24.46 -19.01
N ALA A 136 -9.41 24.29 -19.86
CA ALA A 136 -9.52 24.68 -21.27
C ALA A 136 -8.64 23.80 -22.15
N SER A 137 -9.05 23.66 -23.41
CA SER A 137 -8.23 23.08 -24.46
C SER A 137 -7.86 24.17 -25.46
N ILE A 138 -6.56 24.38 -25.65
CA ILE A 138 -6.03 25.42 -26.52
C ILE A 138 -5.65 24.78 -27.84
N SER A 139 -6.32 25.17 -28.92
CA SER A 139 -5.96 24.69 -30.26
C SER A 139 -5.21 25.78 -31.03
N TYR A 140 -4.11 25.38 -31.68
CA TYR A 140 -3.27 26.32 -32.42
C TYR A 140 -2.63 25.59 -33.59
N THR A 141 -2.86 26.07 -34.82
CA THR A 141 -2.26 25.44 -35.99
C THR A 141 -1.45 26.43 -36.84
N GLY A 142 -1.01 27.55 -36.27
CA GLY A 142 -0.15 28.48 -36.97
C GLY A 142 1.32 28.21 -36.76
N ASP A 143 2.15 29.17 -37.18
CA ASP A 143 3.59 29.04 -37.02
C ASP A 143 3.95 29.10 -35.54
N ILE A 144 4.88 28.24 -35.13
CA ILE A 144 5.23 28.10 -33.72
C ILE A 144 6.56 28.79 -33.37
N GLY A 145 7.00 29.74 -34.20
CA GLY A 145 8.17 30.52 -33.87
C GLY A 145 9.48 29.77 -33.91
N LEU A 146 9.56 28.68 -34.67
CA LEU A 146 10.80 27.91 -34.79
C LEU A 146 11.54 28.21 -36.09
N GLY A 147 11.02 29.09 -36.93
CA GLY A 147 11.69 29.51 -38.15
C GLY A 147 12.80 30.49 -37.88
N ASN A 148 13.16 31.23 -38.94
CA ASN A 148 14.33 32.10 -38.95
C ASN A 148 14.00 33.59 -39.01
N ASN A 149 12.73 33.96 -39.23
CA ASN A 149 12.32 35.36 -39.21
C ASN A 149 12.20 35.83 -37.76
N ALA A 150 13.04 36.78 -37.36
CA ALA A 150 12.98 37.28 -36.00
C ALA A 150 11.74 38.13 -35.77
N ALA A 151 11.22 38.78 -36.82
CA ALA A 151 10.00 39.58 -36.66
C ALA A 151 8.80 38.69 -36.37
N VAL A 152 8.64 37.60 -37.13
CA VAL A 152 7.59 36.63 -36.84
C VAL A 152 7.84 35.96 -35.49
N ASN A 153 9.07 35.52 -35.26
CA ASN A 153 9.40 34.79 -34.03
C ASN A 153 9.17 35.62 -32.78
N ALA A 154 9.17 36.95 -32.89
CA ALA A 154 8.90 37.78 -31.72
C ALA A 154 7.41 37.87 -31.44
N SER A 155 6.59 37.91 -32.48
CA SER A 155 5.16 38.02 -32.29
C SER A 155 4.57 36.74 -31.71
N ILE A 156 5.11 35.58 -32.09
CA ILE A 156 4.64 34.31 -31.54
C ILE A 156 5.05 34.17 -30.09
N THR A 157 6.30 34.52 -29.76
CA THR A 157 6.75 34.48 -28.38
C THR A 157 5.85 35.34 -27.48
N GLU A 158 5.50 36.53 -27.94
CA GLU A 158 4.69 37.43 -27.13
C GLU A 158 3.25 36.93 -27.04
N MET A 159 2.76 36.30 -28.11
CA MET A 159 1.44 35.68 -28.07
C MET A 159 1.43 34.47 -27.14
N ARG A 160 2.47 33.66 -27.20
CA ARG A 160 2.55 32.51 -26.31
C ARG A 160 2.64 32.96 -24.86
N GLN A 161 3.36 34.07 -24.62
CA GLN A 161 3.59 34.53 -23.25
C GLN A 161 2.30 35.06 -22.62
N LEU A 162 1.50 35.78 -23.40
CA LEU A 162 0.18 36.19 -22.94
C LEU A 162 -0.67 35.00 -22.54
N LEU A 163 -0.60 33.92 -23.33
CA LEU A 163 -1.42 32.74 -23.02
C LEU A 163 -1.02 32.15 -21.68
N LEU A 164 0.29 31.98 -21.47
CA LEU A 164 0.78 31.34 -20.26
C LEU A 164 0.56 32.19 -19.02
N ASP A 165 0.72 33.52 -19.15
CA ASP A 165 0.42 34.42 -18.03
C ASP A 165 -1.02 34.26 -17.56
N LYS A 166 -1.95 33.98 -18.47
CA LYS A 166 -3.35 33.93 -18.11
C LYS A 166 -3.76 32.54 -17.57
N ILE A 167 -3.20 31.45 -18.10
CA ILE A 167 -3.65 30.14 -17.65
C ILE A 167 -2.81 29.55 -16.52
N THR A 168 -1.55 29.98 -16.36
CA THR A 168 -0.74 29.44 -15.27
C THR A 168 -1.39 29.62 -13.89
N PRO A 169 -1.91 30.80 -13.51
CA PRO A 169 -2.67 30.89 -12.24
C PRO A 169 -3.83 29.89 -12.16
N LEU A 170 -4.52 29.63 -13.27
CA LEU A 170 -5.57 28.60 -13.26
C LEU A 170 -4.97 27.21 -13.04
N ALA A 171 -3.83 26.94 -13.65
CA ALA A 171 -3.20 25.62 -13.50
C ALA A 171 -2.85 25.34 -12.05
N LYS A 172 -2.43 26.36 -11.30
CA LYS A 172 -2.15 26.19 -9.88
C LYS A 172 -3.40 25.94 -9.05
N ASN A 173 -4.59 26.25 -9.59
CA ASN A 173 -5.85 26.01 -8.91
C ASN A 173 -6.49 24.70 -9.30
N GLY A 174 -5.75 23.81 -9.96
CA GLY A 174 -6.26 22.52 -10.37
C GLY A 174 -6.96 22.50 -11.72
N LYS A 175 -7.04 23.63 -12.41
CA LYS A 175 -7.68 23.64 -13.71
C LYS A 175 -6.80 22.92 -14.74
N ILE A 176 -7.46 22.18 -15.64
CA ILE A 176 -6.83 21.29 -16.61
C ILE A 176 -6.67 22.04 -17.94
N PHE A 177 -5.50 21.94 -18.55
CA PHE A 177 -5.29 22.54 -19.85
C PHE A 177 -4.72 21.51 -20.81
N PHE A 178 -5.34 21.41 -21.99
CA PHE A 178 -4.85 20.61 -23.10
C PHE A 178 -4.22 21.54 -24.13
N LEU A 179 -3.15 21.10 -24.77
CA LEU A 179 -2.60 21.82 -25.90
C LEU A 179 -2.88 21.00 -27.16
N GLU A 180 -3.81 21.49 -27.98
CA GLU A 180 -4.10 20.86 -29.27
C GLU A 180 -3.28 21.60 -30.32
N SER A 181 -2.00 21.21 -30.40
CA SER A 181 -1.08 21.86 -31.30
C SER A 181 0.19 21.03 -31.43
N ASN A 182 1.27 21.64 -31.92
CA ASN A 182 2.57 20.97 -31.92
C ASN A 182 3.24 21.18 -30.57
N PRO A 183 3.65 20.12 -29.86
CA PRO A 183 4.25 20.30 -28.54
C PRO A 183 5.46 21.24 -28.55
N LEU A 184 6.21 21.27 -29.64
CA LEU A 184 7.36 22.16 -29.71
C LEU A 184 6.97 23.62 -29.52
N PHE A 185 5.68 23.95 -29.67
CA PHE A 185 5.18 25.30 -29.42
C PHE A 185 5.45 25.76 -27.99
N ILE A 186 5.66 24.83 -27.06
CA ILE A 186 5.76 25.18 -25.64
C ILE A 186 7.21 25.02 -25.20
N PRO A 187 7.85 26.08 -24.72
CA PRO A 187 9.23 25.95 -24.23
C PRO A 187 9.30 24.92 -23.12
N GLU A 188 10.45 24.24 -23.04
CA GLU A 188 10.65 23.21 -22.02
C GLU A 188 10.32 23.73 -20.63
N ALA A 189 10.59 25.01 -20.37
CA ALA A 189 10.34 25.61 -19.06
C ALA A 189 8.85 25.62 -18.69
N ASN A 190 7.95 25.52 -19.67
CA ASN A 190 6.52 25.68 -19.41
C ASN A 190 5.72 24.40 -19.63
N ARG A 191 6.38 23.27 -19.93
CA ARG A 191 5.67 22.06 -20.33
C ARG A 191 4.65 21.62 -19.28
N ASP A 192 4.91 21.92 -18.01
CA ASP A 192 4.11 21.40 -16.92
C ASP A 192 2.76 22.10 -16.81
N VAL A 193 2.55 23.20 -17.54
CA VAL A 193 1.27 23.92 -17.47
C VAL A 193 0.17 23.07 -18.10
N PHE A 194 0.51 22.27 -19.10
CA PHE A 194 -0.48 21.47 -19.82
C PHE A 194 -0.51 20.03 -19.30
N THR A 195 -1.70 19.57 -18.96
CA THR A 195 -1.88 18.19 -18.51
C THR A 195 -1.76 17.19 -19.67
N ARG A 196 -2.27 17.55 -20.85
CA ARG A 196 -2.18 16.66 -22.01
C ARG A 196 -1.66 17.46 -23.20
N TYR A 197 -0.95 16.76 -24.07
CA TYR A 197 -0.55 17.26 -25.37
C TYR A 197 -1.28 16.42 -26.41
N VAL A 198 -2.09 17.07 -27.25
CA VAL A 198 -3.03 16.38 -28.12
C VAL A 198 -2.54 16.48 -29.56
N LEU A 199 -2.17 15.35 -30.16
CA LEU A 199 -1.64 15.35 -31.52
C LEU A 199 -2.78 15.19 -32.52
N ASN A 200 -2.79 16.02 -33.56
CA ASN A 200 -3.87 15.91 -34.52
C ASN A 200 -3.48 14.88 -35.57
N THR A 201 -4.08 13.70 -35.43
CA THR A 201 -3.77 12.55 -36.26
C THR A 201 -4.92 12.20 -37.21
N THR A 202 -5.92 13.07 -37.34
CA THR A 202 -7.10 12.73 -38.12
C THR A 202 -6.81 12.61 -39.60
N SER A 203 -5.65 13.08 -40.04
CA SER A 203 -5.23 12.86 -41.42
C SER A 203 -4.17 11.78 -41.56
N SER A 204 -3.72 11.17 -40.46
CA SER A 204 -2.80 10.04 -40.56
C SER A 204 -3.47 8.89 -41.28
N LYS A 205 -2.73 8.22 -42.15
CA LYS A 205 -3.37 7.22 -43.01
C LYS A 205 -3.23 5.79 -42.48
N ASN A 206 -2.32 5.54 -41.55
CA ASN A 206 -2.15 4.19 -41.04
C ASN A 206 -1.36 4.29 -39.74
N ALA A 207 -1.11 3.13 -39.12
CA ALA A 207 -0.40 3.08 -37.84
C ALA A 207 1.07 3.50 -37.98
N SER A 208 1.67 3.34 -39.15
CA SER A 208 3.06 3.75 -39.32
C SER A 208 3.21 5.25 -39.13
N GLN A 209 2.28 6.01 -39.70
CA GLN A 209 2.27 7.46 -39.56
C GLN A 209 1.96 7.85 -38.11
N LEU A 210 1.07 7.11 -37.45
CA LEU A 210 0.82 7.36 -36.03
C LEU A 210 2.11 7.21 -35.24
N ARG A 211 2.82 6.10 -35.46
CA ARG A 211 4.03 5.82 -34.69
C ARG A 211 5.09 6.89 -34.92
N LEU A 212 5.23 7.37 -36.15
CA LEU A 212 6.16 8.45 -36.42
C LEU A 212 5.85 9.67 -35.56
N LEU A 213 4.57 10.09 -35.53
CA LEU A 213 4.21 11.32 -34.83
C LEU A 213 4.34 11.17 -33.32
N ILE A 214 3.93 10.02 -32.79
CA ILE A 214 4.04 9.78 -31.36
C ILE A 214 5.52 9.81 -30.95
N ASN A 215 6.37 9.06 -31.66
CA ASN A 215 7.78 9.00 -31.27
C ASN A 215 8.47 10.35 -31.41
N GLU A 216 8.08 11.15 -32.41
CA GLU A 216 8.61 12.50 -32.49
C GLU A 216 8.24 13.31 -31.25
N ALA A 217 6.98 13.19 -30.81
CA ALA A 217 6.53 13.92 -29.64
C ALA A 217 7.30 13.51 -28.39
N ILE A 218 7.45 12.20 -28.17
CA ILE A 218 8.14 11.70 -26.98
C ILE A 218 9.63 11.99 -27.05
N TYR A 219 10.31 11.39 -28.03
CA TYR A 219 11.77 11.35 -27.99
C TYR A 219 12.45 12.61 -28.52
N TYR A 220 11.78 13.39 -29.37
CA TYR A 220 12.42 14.62 -29.80
C TYR A 220 11.86 15.85 -29.09
N ALA A 221 10.53 15.97 -28.95
CA ALA A 221 9.96 17.10 -28.21
C ALA A 221 10.01 16.89 -26.70
N GLY A 222 10.18 15.66 -26.24
CA GLY A 222 10.34 15.40 -24.83
C GLY A 222 9.05 15.35 -24.04
N ILE A 223 7.96 14.92 -24.65
CA ILE A 223 6.66 14.85 -23.96
C ILE A 223 6.56 13.46 -23.34
N PRO A 224 6.41 13.35 -22.02
CA PRO A 224 6.22 12.02 -21.44
C PRO A 224 5.01 11.35 -22.08
N SER A 225 5.14 10.05 -22.35
CA SER A 225 4.16 9.38 -23.19
C SER A 225 2.77 9.39 -22.55
N ASP A 226 2.68 9.37 -21.22
CA ASP A 226 1.36 9.37 -20.60
C ASP A 226 0.65 10.73 -20.67
N LYS A 227 1.33 11.82 -21.07
CA LYS A 227 0.65 13.09 -21.31
C LYS A 227 0.11 13.24 -22.74
N LEU A 228 0.19 12.21 -23.56
CA LEU A 228 -0.03 12.33 -24.99
C LEU A 228 -1.37 11.70 -25.35
N LEU A 229 -2.16 12.43 -26.14
CA LEU A 229 -3.37 11.87 -26.74
C LEU A 229 -3.27 12.01 -28.25
N ILE A 230 -3.84 11.04 -28.96
CA ILE A 230 -4.04 11.17 -30.40
C ILE A 230 -5.52 11.44 -30.64
N THR A 231 -5.82 11.97 -31.82
CA THR A 231 -7.16 12.43 -32.19
C THR A 231 -7.75 11.54 -33.28
N GLY A 232 -9.01 11.12 -33.09
CA GLY A 232 -9.77 10.46 -34.13
C GLY A 232 -11.12 11.14 -34.31
N ASP A 233 -11.76 10.84 -35.45
CA ASP A 233 -13.04 11.45 -35.83
C ASP A 233 -13.99 10.30 -36.16
N PRO A 234 -15.21 10.30 -35.59
CA PRO A 234 -16.15 9.19 -35.86
C PRO A 234 -16.49 8.97 -37.34
N GLU A 235 -16.33 9.99 -38.18
CA GLU A 235 -16.73 9.94 -39.58
C GLU A 235 -15.58 9.63 -40.52
N LEU A 236 -14.37 9.46 -39.99
CA LEU A 236 -13.21 9.27 -40.85
C LEU A 236 -12.82 7.81 -40.84
N MET A 237 -11.97 7.46 -41.80
CA MET A 237 -11.44 6.12 -41.96
C MET A 237 -9.93 6.17 -41.95
N THR A 238 -9.31 4.99 -41.79
CA THR A 238 -7.87 4.84 -41.86
C THR A 238 -7.58 3.41 -42.31
N THR A 239 -6.30 3.10 -42.53
CA THR A 239 -5.94 1.79 -43.08
C THR A 239 -5.28 0.95 -42.00
N ASP A 240 -5.81 -0.24 -41.76
CA ASP A 240 -5.25 -1.10 -40.72
C ASP A 240 -4.02 -1.85 -41.23
N ASN A 241 -3.46 -2.69 -40.35
CA ASN A 241 -2.19 -3.35 -40.63
C ASN A 241 -2.33 -4.49 -41.63
N ASN A 242 -3.55 -4.97 -41.84
CA ASN A 242 -3.89 -5.89 -42.92
C ASN A 242 -4.17 -5.14 -44.22
N ASP A 243 -4.16 -3.80 -44.15
CA ASP A 243 -4.28 -2.88 -45.28
C ASP A 243 -5.74 -2.91 -45.82
N GLY A 244 -6.70 -3.27 -44.94
CA GLY A 244 -8.09 -2.96 -45.16
C GLY A 244 -8.51 -1.67 -44.46
N LEU A 245 -9.64 -1.16 -44.93
CA LEU A 245 -10.15 0.14 -44.54
C LEU A 245 -11.05 0.00 -43.31
N VAL A 246 -10.87 0.88 -42.31
CA VAL A 246 -11.57 0.78 -41.03
C VAL A 246 -11.81 2.19 -40.47
N SER A 247 -12.68 2.27 -39.47
CA SER A 247 -12.95 3.54 -38.78
C SER A 247 -11.75 3.98 -37.94
N GLN A 248 -11.45 5.29 -37.98
CA GLN A 248 -10.38 5.83 -37.15
C GLN A 248 -10.56 5.48 -35.68
N VAL A 249 -11.73 5.82 -35.11
CA VAL A 249 -11.86 5.79 -33.65
C VAL A 249 -11.55 4.41 -33.09
N PRO A 250 -12.19 3.32 -33.53
CA PRO A 250 -11.81 2.00 -32.94
C PRO A 250 -10.39 1.60 -33.27
N PHE A 251 -9.89 1.94 -34.47
CA PHE A 251 -8.52 1.57 -34.75
C PHE A 251 -7.54 2.44 -33.96
N PHE A 252 -7.80 3.76 -33.88
CA PHE A 252 -6.89 4.60 -33.11
C PHE A 252 -6.93 4.26 -31.62
N ALA A 253 -8.05 3.72 -31.14
CA ALA A 253 -8.13 3.27 -29.75
C ALA A 253 -7.11 2.16 -29.49
N ILE A 254 -7.05 1.16 -30.38
CA ILE A 254 -6.05 0.12 -30.24
C ILE A 254 -4.65 0.72 -30.30
N GLN A 255 -4.45 1.70 -31.19
CA GLN A 255 -3.11 2.24 -31.41
C GLN A 255 -2.61 3.08 -30.24
N VAL A 256 -3.51 3.60 -29.40
CA VAL A 256 -3.06 4.23 -28.17
C VAL A 256 -2.11 3.30 -27.42
N ILE A 257 -2.36 2.00 -27.49
CA ILE A 257 -1.50 1.02 -26.86
C ILE A 257 -0.40 0.58 -27.81
N ASP A 258 -0.79 -0.01 -28.95
CA ASP A 258 0.18 -0.64 -29.85
C ASP A 258 1.20 0.33 -30.41
N CYS A 259 0.86 1.61 -30.54
CA CYS A 259 1.86 2.57 -31.04
C CYS A 259 2.65 3.18 -29.90
N GLY A 260 3.07 2.33 -28.96
CA GLY A 260 3.76 2.75 -27.77
C GLY A 260 2.67 3.25 -26.88
N PRO A 261 2.58 2.72 -25.67
CA PRO A 261 1.46 3.14 -24.80
C PRO A 261 1.61 4.62 -24.49
N ILE A 262 0.61 5.39 -24.91
CA ILE A 262 0.53 6.81 -24.62
C ILE A 262 -0.64 7.01 -23.68
N GLY A 263 -1.09 8.26 -23.51
CA GLY A 263 -2.05 8.57 -22.46
C GLY A 263 -3.50 8.33 -22.82
N GLY A 264 -3.88 8.48 -24.07
CA GLY A 264 -5.24 8.14 -24.41
C GLY A 264 -5.65 8.73 -25.74
N LEU A 265 -6.96 8.85 -25.89
CA LEU A 265 -7.59 9.18 -27.16
C LEU A 265 -8.47 10.42 -27.02
N MET A 266 -8.41 11.27 -28.03
CA MET A 266 -9.30 12.43 -28.13
C MET A 266 -10.18 12.21 -29.35
N ILE A 267 -11.49 12.34 -29.18
CA ILE A 267 -12.44 12.12 -30.27
C ILE A 267 -13.03 13.47 -30.62
N GLN A 268 -12.58 14.02 -31.75
CA GLN A 268 -13.23 15.22 -32.24
C GLN A 268 -14.58 14.85 -32.84
N ASN A 269 -15.42 15.88 -33.04
CA ASN A 269 -16.68 15.72 -33.79
C ASN A 269 -17.51 14.56 -33.20
N VAL A 270 -17.57 14.51 -31.87
CA VAL A 270 -18.21 13.36 -31.22
C VAL A 270 -19.72 13.32 -31.44
N ALA A 271 -20.35 14.46 -31.72
CA ALA A 271 -21.78 14.45 -32.03
C ALA A 271 -22.10 13.51 -33.17
N ALA A 272 -21.19 13.40 -34.14
CA ALA A 272 -21.42 12.47 -35.26
C ALA A 272 -21.56 11.04 -34.76
N ASP A 273 -20.96 10.69 -33.62
CA ASP A 273 -21.05 9.35 -33.05
C ASP A 273 -22.36 9.13 -32.28
N TYR A 274 -23.24 10.12 -32.22
CA TYR A 274 -24.44 10.01 -31.38
C TYR A 274 -25.29 8.80 -31.78
N SER A 275 -25.65 8.72 -33.07
CA SER A 275 -26.78 7.90 -33.51
C SER A 275 -26.32 6.52 -34.00
N HIS A 276 -26.90 5.47 -33.41
CA HIS A 276 -26.64 4.08 -33.78
C HIS A 276 -27.95 3.30 -33.66
N ALA A 277 -27.88 1.99 -33.84
CA ALA A 277 -29.10 1.17 -33.77
C ALA A 277 -29.79 1.32 -32.43
N ASN A 278 -29.11 0.89 -31.35
CA ASN A 278 -29.68 0.90 -30.01
C ASN A 278 -28.99 1.91 -29.10
N ILE A 279 -27.68 1.81 -28.87
CA ILE A 279 -27.05 2.66 -27.86
C ILE A 279 -26.37 3.86 -28.50
N THR A 280 -26.47 4.99 -27.82
CA THR A 280 -25.82 6.22 -28.28
C THR A 280 -24.31 6.12 -28.11
N TYR A 281 -23.59 6.88 -28.93
CA TYR A 281 -22.14 7.07 -28.77
C TYR A 281 -21.41 5.74 -28.75
N LYS A 282 -21.80 4.86 -29.66
CA LYS A 282 -21.33 3.48 -29.64
C LYS A 282 -19.81 3.40 -29.81
N GLU A 283 -19.24 4.19 -30.73
CA GLU A 283 -17.80 4.09 -30.94
C GLU A 283 -17.04 4.66 -29.75
N THR A 284 -17.59 5.70 -29.09
CA THR A 284 -16.93 6.27 -27.92
C THR A 284 -16.96 5.28 -26.77
N ARG A 285 -18.13 4.69 -26.49
CA ARG A 285 -18.22 3.63 -25.50
C ARG A 285 -17.31 2.46 -25.85
N GLY A 286 -17.21 2.13 -27.14
CA GLY A 286 -16.40 0.98 -27.53
C GLY A 286 -14.91 1.23 -27.36
N ALA A 287 -14.46 2.46 -27.62
CA ALA A 287 -13.05 2.78 -27.41
C ALA A 287 -12.69 2.73 -25.94
N ILE A 288 -13.64 3.12 -25.08
CA ILE A 288 -13.41 3.10 -23.64
C ILE A 288 -13.29 1.66 -23.15
N GLN A 289 -14.20 0.79 -23.60
CA GLN A 289 -14.16 -0.62 -23.17
C GLN A 289 -12.92 -1.33 -23.71
N THR A 290 -12.54 -1.04 -24.95
CA THR A 290 -11.30 -1.57 -25.53
C THR A 290 -10.07 -1.19 -24.71
N LEU A 291 -9.94 0.10 -24.37
CA LEU A 291 -8.77 0.57 -23.65
C LEU A 291 -8.80 0.14 -22.18
N ASN A 292 -9.95 0.25 -21.52
CA ASN A 292 -10.09 -0.05 -20.09
C ASN A 292 -11.20 -1.06 -19.87
N PRO A 293 -10.97 -2.32 -20.23
CA PRO A 293 -12.04 -3.31 -20.12
C PRO A 293 -12.55 -3.41 -18.70
N SER A 294 -13.86 -3.52 -18.57
CA SER A 294 -14.47 -3.65 -17.26
C SER A 294 -14.13 -5.02 -16.67
N PRO A 295 -13.88 -5.11 -15.36
CA PRO A 295 -13.63 -6.42 -14.75
C PRO A 295 -14.87 -7.30 -14.66
N LEU A 296 -16.03 -6.82 -15.07
CA LEU A 296 -17.27 -7.55 -14.90
C LEU A 296 -17.86 -8.03 -16.23
N PRO B 18 -28.47 40.29 -1.54
CA PRO B 18 -28.53 39.00 -2.25
C PRO B 18 -27.86 39.07 -3.69
N GLU B 19 -28.33 39.96 -4.59
CA GLU B 19 -27.42 40.49 -5.61
C GLU B 19 -26.09 40.91 -5.09
N LEU B 20 -26.00 41.86 -4.15
CA LEU B 20 -24.67 42.33 -3.77
C LEU B 20 -23.81 41.18 -3.26
N TYR B 21 -24.41 40.21 -2.59
CA TYR B 21 -23.65 39.05 -2.15
C TYR B 21 -23.14 38.24 -3.32
N ALA B 22 -23.97 38.06 -4.35
CA ALA B 22 -23.53 37.32 -5.53
C ALA B 22 -22.38 38.06 -6.22
N ARG B 23 -22.45 39.37 -6.25
CA ARG B 23 -21.35 40.12 -6.87
CA ARG B 23 -21.36 40.15 -6.84
C ARG B 23 -20.09 40.00 -6.03
N TYR B 24 -20.22 39.94 -4.71
CA TYR B 24 -19.07 39.78 -3.84
C TYR B 24 -18.44 38.41 -4.02
N THR B 25 -19.25 37.33 -3.99
CA THR B 25 -18.66 36.00 -4.14
C THR B 25 -18.00 35.84 -5.49
N GLN B 26 -18.57 36.47 -6.53
CA GLN B 26 -17.95 36.48 -7.84
C GLN B 26 -16.59 37.19 -7.78
N ALA B 27 -16.50 38.29 -7.03
CA ALA B 27 -15.21 38.94 -6.86
C ALA B 27 -14.20 38.01 -6.17
N VAL B 28 -14.65 37.28 -5.14
CA VAL B 28 -13.73 36.37 -4.43
C VAL B 28 -13.22 35.26 -5.37
N ARG B 29 -14.10 34.69 -6.19
CA ARG B 29 -13.67 33.64 -7.10
C ARG B 29 -12.74 34.19 -8.18
N ASN B 30 -13.06 35.38 -8.72
CA ASN B 30 -12.22 35.97 -9.76
C ASN B 30 -10.85 36.37 -9.20
N TYR B 31 -10.81 36.85 -7.95
CA TYR B 31 -9.53 37.09 -7.28
C TYR B 31 -8.66 35.84 -7.29
N LYS B 32 -9.20 34.70 -6.86
CA LYS B 32 -8.40 33.48 -6.76
C LYS B 32 -7.95 32.95 -8.12
N SER B 33 -8.62 33.31 -9.21
CA SER B 33 -8.20 32.82 -10.51
C SER B 33 -7.18 33.72 -11.19
N ARG B 34 -6.80 34.84 -10.56
CA ARG B 34 -5.74 35.68 -11.10
C ARG B 34 -4.45 35.42 -10.33
N LYS B 35 -3.36 35.93 -10.88
CA LYS B 35 -2.06 35.69 -10.27
C LYS B 35 -2.02 36.38 -8.91
N HIS B 36 -1.54 35.67 -7.90
CA HIS B 36 -1.46 36.19 -6.53
C HIS B 36 -0.68 35.21 -5.66
N TYR B 37 -0.20 35.69 -4.53
CA TYR B 37 0.46 34.83 -3.56
C TYR B 37 -0.56 33.97 -2.83
N ALA B 38 -0.34 32.67 -2.83
CA ALA B 38 -1.29 31.77 -2.21
C ALA B 38 -1.17 31.85 -0.69
N VAL B 39 -2.30 31.78 0.00
CA VAL B 39 -2.31 31.61 1.44
C VAL B 39 -3.16 30.40 1.77
N CYS B 40 -2.53 29.37 2.35
CA CYS B 40 -3.19 28.10 2.63
C CYS B 40 -3.08 27.82 4.12
N VAL B 41 -4.09 27.13 4.67
CA VAL B 41 -4.16 26.95 6.11
C VAL B 41 -4.40 25.48 6.40
N ARG B 42 -3.96 25.06 7.58
CA ARG B 42 -4.18 23.71 8.08
C ARG B 42 -5.18 23.78 9.22
N PHE B 43 -6.34 23.16 9.03
CA PHE B 43 -7.43 23.29 9.99
C PHE B 43 -7.72 21.97 10.70
N ASP B 44 -7.73 22.03 12.02
CA ASP B 44 -8.04 20.88 12.89
C ASP B 44 -9.56 20.70 12.94
N ASN B 45 -10.09 19.98 11.96
CA ASN B 45 -11.53 19.91 11.73
C ASN B 45 -12.15 18.74 12.49
N GLY B 46 -13.48 18.73 12.52
CA GLY B 46 -14.21 17.60 13.04
C GLY B 46 -14.53 17.63 14.52
N HIS B 47 -14.25 18.72 15.23
CA HIS B 47 -14.53 18.84 16.66
C HIS B 47 -15.90 19.50 16.89
N SER B 48 -16.40 19.39 18.12
CA SER B 48 -17.67 20.02 18.46
C SER B 48 -17.60 20.50 19.90
N GLY B 49 -18.52 21.38 20.25
CA GLY B 49 -18.58 21.97 21.58
C GLY B 49 -17.89 23.31 21.73
N ASP B 50 -16.77 23.54 21.01
CA ASP B 50 -15.92 24.71 21.16
C ASP B 50 -16.45 25.97 20.47
N GLY B 51 -17.73 26.05 20.12
CA GLY B 51 -18.23 27.23 19.44
C GLY B 51 -17.93 27.27 17.95
N GLU B 52 -17.94 28.50 17.40
CA GLU B 52 -17.82 28.69 15.95
C GLU B 52 -16.46 28.25 15.42
N LYS B 53 -15.42 28.28 16.23
CA LYS B 53 -14.11 27.89 15.75
C LYS B 53 -14.05 26.42 15.34
N ASP B 54 -15.10 25.63 15.59
CA ASP B 54 -15.06 24.23 15.21
C ASP B 54 -15.32 24.02 13.73
N PHE B 55 -15.86 25.02 13.04
CA PHE B 55 -16.50 24.82 11.73
C PHE B 55 -15.68 25.39 10.58
N LEU B 56 -15.66 24.63 9.48
CA LEU B 56 -15.08 25.12 8.23
C LEU B 56 -15.67 26.44 7.79
N ARG B 57 -16.99 26.62 7.97
CA ARG B 57 -17.64 27.84 7.52
C ARG B 57 -17.02 29.09 8.15
N SER B 58 -16.23 28.93 9.22
CA SER B 58 -15.62 30.10 9.85
C SER B 58 -14.33 30.55 9.15
N MET B 59 -13.80 29.75 8.20
CA MET B 59 -12.62 30.13 7.43
C MET B 59 -12.83 31.47 6.71
N PRO B 60 -11.80 32.33 6.64
CA PRO B 60 -11.90 33.52 5.77
C PRO B 60 -12.24 33.10 4.35
N ASP B 61 -13.07 33.92 3.68
CA ASP B 61 -13.50 33.62 2.32
C ASP B 61 -12.35 33.62 1.32
N SER B 62 -11.23 34.28 1.63
CA SER B 62 -10.19 34.53 0.64
C SER B 62 -8.97 33.62 0.80
N ILE B 63 -8.98 32.68 1.74
CA ILE B 63 -7.92 31.69 1.77
C ILE B 63 -7.97 30.88 0.48
N ASP B 64 -6.79 30.48 0.00
CA ASP B 64 -6.78 29.74 -1.26
C ASP B 64 -7.12 28.27 -1.03
N ALA B 65 -6.66 27.69 0.07
CA ALA B 65 -6.91 26.28 0.32
C ALA B 65 -6.92 26.06 1.82
N VAL B 66 -7.75 25.11 2.24
CA VAL B 66 -7.78 24.64 3.61
C VAL B 66 -7.50 23.14 3.59
N ILE B 67 -6.60 22.73 4.45
CA ILE B 67 -6.15 21.36 4.57
C ILE B 67 -6.81 20.77 5.82
N LEU B 68 -7.65 19.75 5.63
CA LEU B 68 -8.36 19.14 6.75
C LEU B 68 -7.44 18.17 7.48
N GLU B 69 -7.12 18.47 8.74
CA GLU B 69 -6.27 17.58 9.54
C GLU B 69 -6.87 16.19 9.63
N ASN B 70 -8.18 16.11 9.77
CA ASN B 70 -8.89 14.85 10.03
C ASN B 70 -9.88 14.64 8.89
N ALA B 71 -9.39 14.14 7.77
CA ALA B 71 -10.19 14.07 6.55
C ALA B 71 -10.70 12.65 6.23
N ALA B 72 -10.35 11.65 7.05
CA ALA B 72 -10.67 10.27 6.71
C ALA B 72 -12.16 9.98 6.83
N THR B 73 -12.79 10.43 7.92
CA THR B 73 -14.23 10.31 8.12
C THR B 73 -14.77 11.68 8.49
N LEU B 74 -15.58 12.25 7.60
CA LEU B 74 -16.07 13.61 7.73
C LEU B 74 -17.47 13.64 8.31
N ASN B 75 -17.73 14.60 9.21
CA ASN B 75 -18.99 14.67 9.92
C ASN B 75 -19.98 15.55 9.16
N SER B 76 -21.20 15.67 9.69
CA SER B 76 -22.27 16.39 8.99
C SER B 76 -21.90 17.85 8.76
N ALA B 77 -21.29 18.49 9.76
CA ALA B 77 -20.89 19.89 9.62
C ALA B 77 -19.90 20.08 8.48
N ASP B 78 -18.83 19.27 8.46
CA ASP B 78 -17.83 19.42 7.41
C ASP B 78 -18.41 19.09 6.03
N LEU B 79 -19.24 18.04 5.94
CA LEU B 79 -19.80 17.70 4.64
C LEU B 79 -20.73 18.78 4.15
N GLU B 80 -21.40 19.48 5.06
CA GLU B 80 -22.27 20.58 4.64
C GLU B 80 -21.45 21.81 4.25
N ASP B 81 -20.31 22.04 4.92
CA ASP B 81 -19.54 23.26 4.71
C ASP B 81 -18.65 23.18 3.47
N ILE B 82 -18.10 22.00 3.17
CA ILE B 82 -17.13 21.88 2.07
C ILE B 82 -17.68 22.43 0.76
N PRO B 83 -18.86 22.02 0.27
CA PRO B 83 -19.31 22.51 -1.03
C PRO B 83 -19.63 23.99 -1.02
N VAL B 84 -20.01 24.54 0.14
CA VAL B 84 -20.21 25.98 0.23
C VAL B 84 -18.90 26.72 -0.02
N LEU B 85 -17.83 26.31 0.67
CA LEU B 85 -16.51 26.92 0.45
C LEU B 85 -16.09 26.84 -1.02
N GLN B 86 -16.34 25.69 -1.67
CA GLN B 86 -15.91 25.49 -3.05
C GLN B 86 -16.77 26.31 -4.02
N THR B 87 -18.09 26.23 -3.86
CA THR B 87 -19.00 26.89 -4.79
C THR B 87 -18.97 28.41 -4.63
N ASN B 88 -19.03 28.90 -3.39
CA ASN B 88 -19.11 30.35 -3.19
C ASN B 88 -17.76 31.04 -3.43
N PHE B 89 -16.67 30.49 -2.91
CA PHE B 89 -15.40 31.22 -2.82
C PHE B 89 -14.28 30.55 -3.57
N ALA B 90 -14.57 29.47 -4.32
CA ALA B 90 -13.53 28.67 -4.98
C ALA B 90 -12.40 28.35 -4.02
N THR B 91 -12.72 28.18 -2.74
CA THR B 91 -11.73 27.71 -1.78
C THR B 91 -11.48 26.22 -1.99
N LYS B 92 -10.21 25.81 -2.05
CA LYS B 92 -9.87 24.40 -2.22
C LYS B 92 -9.80 23.71 -0.87
N VAL B 93 -10.22 22.45 -0.83
CA VAL B 93 -10.28 21.66 0.40
C VAL B 93 -9.50 20.39 0.18
N LEU B 94 -8.44 20.19 0.97
CA LEU B 94 -7.48 19.11 0.74
C LEU B 94 -7.48 18.12 1.90
N PHE B 95 -7.23 16.85 1.56
CA PHE B 95 -7.07 15.76 2.52
C PHE B 95 -5.66 15.79 3.09
N SER B 96 -5.52 15.74 4.41
CA SER B 96 -4.21 15.70 5.05
C SER B 96 -3.75 14.27 5.17
N PHE B 97 -2.60 13.94 4.58
CA PHE B 97 -2.11 12.57 4.53
C PHE B 97 -0.75 12.52 5.21
N ASN B 98 -0.71 11.86 6.37
CA ASN B 98 0.50 11.80 7.19
C ASN B 98 1.24 10.54 6.79
N LEU B 99 2.16 10.69 5.85
CA LEU B 99 2.94 9.56 5.40
C LEU B 99 3.92 9.10 6.49
N THR B 100 4.44 10.03 7.28
CA THR B 100 5.39 9.69 8.35
C THR B 100 4.82 8.67 9.32
N SER B 101 3.54 8.84 9.72
CA SER B 101 2.93 7.93 10.68
C SER B 101 2.80 6.53 10.11
N ILE B 102 2.47 6.42 8.82
CA ILE B 102 2.33 5.11 8.21
C ILE B 102 3.66 4.39 8.17
N LYS B 103 4.73 5.09 7.78
CA LYS B 103 6.05 4.44 7.73
C LYS B 103 6.49 4.02 9.12
N GLU B 104 6.29 4.89 10.12
CA GLU B 104 6.73 4.58 11.47
C GLU B 104 5.93 3.45 12.08
N ASN B 105 4.61 3.47 11.93
CA ASN B 105 3.81 2.38 12.47
C ASN B 105 4.16 1.04 11.83
N ALA B 106 4.41 1.03 10.52
CA ALA B 106 4.76 -0.23 9.87
C ALA B 106 6.11 -0.75 10.36
N GLU B 107 7.07 0.14 10.54
CA GLU B 107 8.36 -0.26 11.09
C GLU B 107 8.23 -0.70 12.54
N SER B 108 7.59 0.12 13.38
CA SER B 108 7.51 -0.25 14.79
C SER B 108 6.73 -1.55 15.01
N SER B 109 5.79 -1.89 14.14
CA SER B 109 5.01 -3.10 14.31
C SER B 109 5.55 -4.26 13.47
N GLY B 110 6.73 -4.11 12.88
CA GLY B 110 7.31 -5.11 12.02
C GLY B 110 6.49 -5.49 10.81
N GLN B 111 5.78 -4.55 10.18
CA GLN B 111 5.04 -5.00 9.02
C GLN B 111 5.65 -4.25 7.83
N GLU B 112 5.44 -4.79 6.62
CA GLU B 112 5.86 -4.05 5.43
C GLU B 112 5.06 -2.76 5.32
N ILE B 113 5.70 -1.72 4.78
CA ILE B 113 5.01 -0.43 4.66
C ILE B 113 3.74 -0.59 3.83
N LYS B 114 3.81 -1.36 2.74
CA LYS B 114 2.64 -1.54 1.86
C LYS B 114 1.42 -2.04 2.62
N THR B 115 1.64 -2.85 3.66
CA THR B 115 0.51 -3.43 4.39
C THR B 115 -0.35 -2.35 5.01
N LEU B 116 0.28 -1.29 5.54
CA LEU B 116 -0.48 -0.15 6.03
C LEU B 116 -0.73 0.91 4.96
N LEU B 117 0.23 1.12 4.05
CA LEU B 117 0.15 2.27 3.15
C LEU B 117 -0.94 2.08 2.09
N ALA B 118 -0.99 0.91 1.44
CA ALA B 118 -2.01 0.67 0.41
C ALA B 118 -3.43 0.93 0.93
N PRO B 119 -3.86 0.39 2.07
CA PRO B 119 -5.21 0.75 2.55
C PRO B 119 -5.38 2.24 2.84
N ALA B 120 -4.34 2.89 3.36
CA ALA B 120 -4.46 4.32 3.66
C ALA B 120 -4.61 5.15 2.38
N LEU B 121 -3.82 4.85 1.35
CA LEU B 121 -3.99 5.52 0.05
C LEU B 121 -5.40 5.35 -0.49
N GLU B 122 -5.93 4.12 -0.43
CA GLU B 122 -7.25 3.85 -0.97
C GLU B 122 -8.32 4.67 -0.23
N GLN B 123 -8.21 4.77 1.09
CA GLN B 123 -9.14 5.59 1.85
C GLN B 123 -9.02 7.07 1.49
N MET B 124 -7.79 7.56 1.31
CA MET B 124 -7.61 8.92 0.77
C MET B 124 -8.33 9.09 -0.56
N VAL B 125 -8.02 8.23 -1.54
CA VAL B 125 -8.64 8.35 -2.86
C VAL B 125 -10.16 8.32 -2.73
N SER B 126 -10.68 7.41 -1.90
CA SER B 126 -12.13 7.33 -1.74
C SER B 126 -12.68 8.59 -1.10
N ALA B 127 -11.97 9.14 -0.12
CA ALA B 127 -12.44 10.39 0.49
C ALA B 127 -12.44 11.52 -0.55
N ILE B 128 -11.38 11.61 -1.35
CA ILE B 128 -11.34 12.64 -2.38
C ILE B 128 -12.52 12.46 -3.34
N THR B 129 -12.74 11.22 -3.78
CA THR B 129 -13.68 10.91 -4.86
C THR B 129 -15.14 10.98 -4.42
N ASP B 130 -15.44 10.61 -3.17
CA ASP B 130 -16.82 10.57 -2.73
C ASP B 130 -17.24 11.78 -1.90
N ASN B 131 -16.31 12.41 -1.17
CA ASN B 131 -16.62 13.65 -0.46
C ASN B 131 -16.18 14.89 -1.23
N GLY B 132 -15.88 14.74 -2.52
CA GLY B 132 -15.59 15.88 -3.36
C GLY B 132 -14.46 16.77 -2.88
N LEU B 133 -13.42 16.18 -2.30
CA LEU B 133 -12.25 16.95 -1.95
C LEU B 133 -11.50 17.34 -3.23
N ASP B 134 -10.71 18.43 -3.13
CA ASP B 134 -9.96 18.92 -4.29
C ASP B 134 -8.55 18.35 -4.41
N GLY B 135 -8.15 17.42 -3.54
CA GLY B 135 -6.80 16.87 -3.59
C GLY B 135 -6.27 16.56 -2.21
N ALA B 136 -4.94 16.54 -2.02
CA ALA B 136 -4.35 16.17 -0.75
C ALA B 136 -3.03 16.90 -0.50
N SER B 137 -2.68 17.01 0.78
CA SER B 137 -1.37 17.49 1.20
C SER B 137 -0.64 16.33 1.87
N ILE B 138 0.47 15.92 1.27
CA ILE B 138 1.24 14.78 1.74
C ILE B 138 2.33 15.27 2.68
N SER B 139 2.26 14.85 3.94
CA SER B 139 3.26 15.22 4.94
C SER B 139 4.24 14.07 5.20
N TYR B 140 5.53 14.38 5.16
CA TYR B 140 6.57 13.37 5.37
C TYR B 140 7.83 14.01 5.94
N THR B 141 8.31 13.50 7.08
CA THR B 141 9.54 14.01 7.69
C THR B 141 10.57 12.94 7.96
N GLY B 142 10.42 11.73 7.43
CA GLY B 142 11.38 10.66 7.63
C GLY B 142 12.53 10.65 6.64
N ASP B 143 13.14 9.48 6.50
CA ASP B 143 14.23 9.29 5.54
C ASP B 143 13.73 9.49 4.11
N ILE B 144 14.45 10.28 3.32
CA ILE B 144 14.02 10.63 1.97
C ILE B 144 14.80 9.87 0.90
N GLY B 145 15.64 8.92 1.30
CA GLY B 145 16.30 8.06 0.35
C GLY B 145 17.63 8.54 -0.17
N LEU B 146 18.22 9.55 0.47
CA LEU B 146 19.53 10.07 0.11
C LEU B 146 20.69 9.32 0.78
N GLY B 147 20.40 8.32 1.62
CA GLY B 147 21.45 7.50 2.18
C GLY B 147 21.99 6.51 1.16
N ASN B 148 22.83 5.60 1.66
CA ASN B 148 23.44 4.61 0.79
C ASN B 148 23.04 3.17 1.11
N ASN B 149 22.15 2.96 2.07
CA ASN B 149 21.71 1.61 2.40
C ASN B 149 20.73 1.10 1.36
N ALA B 150 21.02 -0.07 0.80
CA ALA B 150 20.18 -0.61 -0.27
C ALA B 150 18.79 -1.01 0.22
N ALA B 151 18.70 -1.58 1.43
CA ALA B 151 17.40 -2.09 1.88
C ALA B 151 16.52 -0.99 2.44
N VAL B 152 17.10 0.00 3.10
CA VAL B 152 16.35 1.20 3.48
C VAL B 152 15.82 1.91 2.23
N ASN B 153 16.66 2.03 1.21
CA ASN B 153 16.27 2.73 -0.01
C ASN B 153 15.20 1.96 -0.78
N ALA B 154 15.32 0.63 -0.85
CA ALA B 154 14.27 -0.15 -1.48
C ALA B 154 12.94 0.07 -0.80
N SER B 155 12.96 0.32 0.50
CA SER B 155 11.71 0.51 1.22
C SER B 155 11.16 1.92 0.98
N ILE B 156 12.03 2.94 0.98
CA ILE B 156 11.60 4.30 0.69
C ILE B 156 11.05 4.38 -0.72
N THR B 157 11.75 3.75 -1.67
CA THR B 157 11.33 3.72 -3.07
C THR B 157 9.97 3.09 -3.25
N GLU B 158 9.72 1.94 -2.59
CA GLU B 158 8.42 1.32 -2.74
C GLU B 158 7.32 2.19 -2.15
N MET B 159 7.56 2.73 -0.94
CA MET B 159 6.65 3.70 -0.35
C MET B 159 6.33 4.84 -1.31
N ARG B 160 7.38 5.45 -1.87
CA ARG B 160 7.18 6.57 -2.78
C ARG B 160 6.43 6.13 -4.03
N GLN B 161 6.74 4.93 -4.55
CA GLN B 161 6.06 4.42 -5.75
C GLN B 161 4.58 4.18 -5.50
N LEU B 162 4.23 3.60 -4.35
CA LEU B 162 2.80 3.44 -4.04
C LEU B 162 2.10 4.79 -4.01
N LEU B 163 2.70 5.75 -3.30
CA LEU B 163 2.12 7.08 -3.23
C LEU B 163 1.91 7.67 -4.62
N LEU B 164 2.97 7.69 -5.44
CA LEU B 164 2.88 8.31 -6.76
C LEU B 164 1.88 7.59 -7.65
N ASP B 165 1.85 6.25 -7.60
CA ASP B 165 0.89 5.50 -8.42
C ASP B 165 -0.54 5.87 -8.10
N LYS B 166 -0.86 6.18 -6.84
CA LYS B 166 -2.24 6.47 -6.52
C LYS B 166 -2.60 7.93 -6.76
N ILE B 167 -1.64 8.86 -6.69
CA ILE B 167 -2.01 10.26 -6.83
C ILE B 167 -1.79 10.81 -8.24
N THR B 168 -0.90 10.21 -9.02
CA THR B 168 -0.71 10.68 -10.39
C THR B 168 -1.98 10.64 -11.23
N PRO B 169 -2.80 9.57 -11.20
CA PRO B 169 -4.09 9.63 -11.92
C PRO B 169 -4.95 10.79 -11.46
N LEU B 170 -5.02 11.02 -10.17
CA LEU B 170 -5.80 12.14 -9.64
C LEU B 170 -5.27 13.48 -10.12
N ALA B 171 -3.95 13.60 -10.26
CA ALA B 171 -3.40 14.89 -10.69
C ALA B 171 -3.70 15.16 -12.16
N LYS B 172 -3.86 14.10 -12.97
CA LYS B 172 -4.31 14.28 -14.35
C LYS B 172 -5.76 14.74 -14.41
N ASN B 173 -6.53 14.51 -13.35
CA ASN B 173 -7.89 14.97 -13.27
C ASN B 173 -8.01 16.35 -12.63
N GLY B 174 -6.90 17.05 -12.41
CA GLY B 174 -6.97 18.37 -11.81
C GLY B 174 -6.94 18.41 -10.29
N LYS B 175 -6.85 17.27 -9.63
CA LYS B 175 -6.69 17.28 -8.18
C LYS B 175 -5.32 17.84 -7.82
N ILE B 176 -5.28 18.63 -6.74
CA ILE B 176 -4.11 19.39 -6.30
C ILE B 176 -3.36 18.59 -5.24
N PHE B 177 -2.03 18.59 -5.28
CA PHE B 177 -1.26 17.90 -4.27
C PHE B 177 -0.10 18.76 -3.79
N PHE B 178 0.03 18.86 -2.47
CA PHE B 178 1.17 19.50 -1.82
C PHE B 178 2.09 18.42 -1.28
N LEU B 179 3.38 18.73 -1.26
CA LEU B 179 4.33 17.89 -0.55
C LEU B 179 4.90 18.72 0.61
N GLU B 180 4.52 18.36 1.84
CA GLU B 180 5.10 18.96 3.04
C GLU B 180 6.24 18.06 3.49
N SER B 181 7.40 18.26 2.86
CA SER B 181 8.58 17.42 3.06
C SER B 181 9.79 18.14 2.47
N ASN B 182 10.89 17.40 2.28
CA ASN B 182 12.02 17.87 1.49
C ASN B 182 11.79 17.52 0.02
N PRO B 183 11.79 18.50 -0.89
CA PRO B 183 11.49 18.20 -2.31
C PRO B 183 12.40 17.16 -2.92
N LEU B 184 13.62 17.00 -2.39
CA LEU B 184 14.52 15.97 -2.89
C LEU B 184 13.91 14.58 -2.74
N PHE B 185 12.90 14.43 -1.88
CA PHE B 185 12.23 13.15 -1.71
C PHE B 185 11.63 12.67 -3.02
N ILE B 186 11.21 13.61 -3.89
CA ILE B 186 10.54 13.28 -5.15
C ILE B 186 11.59 13.25 -6.24
N PRO B 187 11.71 12.14 -7.00
CA PRO B 187 12.61 12.12 -8.16
C PRO B 187 12.26 13.21 -9.15
N GLU B 188 13.30 13.77 -9.76
CA GLU B 188 13.20 14.83 -10.75
C GLU B 188 12.11 14.56 -11.79
N ALA B 189 11.92 13.31 -12.17
CA ALA B 189 10.96 12.97 -13.21
C ALA B 189 9.51 13.03 -12.74
N ASN B 190 9.24 13.11 -11.43
CA ASN B 190 7.87 13.20 -10.95
C ASN B 190 7.56 14.52 -10.26
N ARG B 191 8.44 15.52 -10.38
CA ARG B 191 8.22 16.73 -9.60
C ARG B 191 7.04 17.56 -10.09
N ASP B 192 6.53 17.28 -11.29
CA ASP B 192 5.34 17.97 -11.77
C ASP B 192 4.06 17.43 -11.13
N VAL B 193 4.13 16.31 -10.40
CA VAL B 193 2.92 15.79 -9.76
C VAL B 193 2.45 16.70 -8.65
N PHE B 194 3.36 17.40 -7.99
CA PHE B 194 2.98 18.27 -6.89
C PHE B 194 2.83 19.70 -7.36
N THR B 195 1.68 20.30 -7.06
CA THR B 195 1.45 21.71 -7.40
C THR B 195 2.27 22.66 -6.51
N ARG B 196 2.42 22.35 -5.20
CA ARG B 196 3.22 23.16 -4.29
C ARG B 196 4.15 22.28 -3.50
N TYR B 197 5.35 22.78 -3.25
CA TYR B 197 6.26 22.18 -2.29
C TYR B 197 6.29 23.09 -1.07
N VAL B 198 6.04 22.52 0.10
CA VAL B 198 5.79 23.29 1.32
C VAL B 198 6.94 23.03 2.27
N LEU B 199 7.72 24.07 2.54
CA LEU B 199 8.91 23.96 3.36
C LEU B 199 8.57 24.14 4.83
N ASN B 200 9.13 23.30 5.69
CA ASN B 200 8.79 23.39 7.11
C ASN B 200 9.74 24.39 7.76
N THR B 201 9.27 25.62 7.92
CA THR B 201 10.07 26.70 8.44
C THR B 201 9.62 27.13 9.83
N THR B 202 8.83 26.30 10.51
CA THR B 202 8.32 26.73 11.81
C THR B 202 9.41 26.77 12.87
N SER B 203 10.53 26.08 12.65
CA SER B 203 11.72 26.17 13.50
C SER B 203 12.71 27.21 13.02
N SER B 204 12.39 27.96 11.97
CA SER B 204 13.31 28.98 11.48
C SER B 204 13.35 30.14 12.48
N LYS B 205 14.56 30.50 12.90
CA LYS B 205 14.72 31.49 13.95
C LYS B 205 14.85 32.90 13.41
N ASN B 206 15.14 33.04 12.13
CA ASN B 206 15.26 34.34 11.50
C ASN B 206 15.22 34.13 9.99
N ALA B 207 15.27 35.25 9.25
CA ALA B 207 15.21 35.20 7.80
C ALA B 207 16.38 34.44 7.20
N SER B 208 17.55 34.46 7.83
CA SER B 208 18.69 33.72 7.30
C SER B 208 18.37 32.24 7.17
N GLN B 209 17.78 31.66 8.23
CA GLN B 209 17.42 30.25 8.18
C GLN B 209 16.32 30.00 7.16
N LEU B 210 15.36 30.92 7.03
CA LEU B 210 14.36 30.83 5.96
C LEU B 210 15.03 30.75 4.60
N ARG B 211 15.83 31.75 4.28
CA ARG B 211 16.36 31.88 2.93
C ARG B 211 17.19 30.65 2.55
N LEU B 212 17.97 30.12 3.50
CA LEU B 212 18.72 28.89 3.23
C LEU B 212 17.79 27.76 2.79
N LEU B 213 16.68 27.57 3.50
CA LEU B 213 15.75 26.51 3.14
C LEU B 213 15.11 26.78 1.79
N ILE B 214 14.75 28.03 1.52
CA ILE B 214 14.23 28.40 0.20
C ILE B 214 15.29 28.16 -0.87
N ASN B 215 16.52 28.63 -0.63
CA ASN B 215 17.58 28.53 -1.64
C ASN B 215 17.95 27.08 -1.94
N GLU B 216 18.00 26.22 -0.92
CA GLU B 216 18.28 24.82 -1.17
C GLU B 216 17.19 24.18 -2.01
N ALA B 217 15.92 24.54 -1.75
CA ALA B 217 14.85 24.01 -2.59
C ALA B 217 15.02 24.44 -4.04
N ILE B 218 15.39 25.72 -4.25
CA ILE B 218 15.45 26.25 -5.62
C ILE B 218 16.66 25.70 -6.35
N TYR B 219 17.85 25.81 -5.74
CA TYR B 219 19.10 25.45 -6.40
C TYR B 219 19.45 23.97 -6.28
N TYR B 220 19.20 23.33 -5.13
CA TYR B 220 19.54 21.91 -5.02
C TYR B 220 18.43 21.02 -5.59
N ALA B 221 17.18 21.30 -5.26
CA ALA B 221 16.09 20.47 -5.77
C ALA B 221 15.54 20.96 -7.12
N GLY B 222 15.88 22.18 -7.53
CA GLY B 222 15.36 22.67 -8.80
C GLY B 222 13.87 22.94 -8.81
N ILE B 223 13.31 23.37 -7.68
CA ILE B 223 11.90 23.75 -7.65
C ILE B 223 11.79 25.21 -8.08
N PRO B 224 10.96 25.52 -9.10
CA PRO B 224 10.67 26.91 -9.41
C PRO B 224 10.10 27.61 -8.18
N SER B 225 10.46 28.89 -8.04
CA SER B 225 10.20 29.56 -6.77
C SER B 225 8.70 29.72 -6.53
N ASP B 226 7.90 29.87 -7.60
CA ASP B 226 6.46 30.07 -7.42
C ASP B 226 5.74 28.79 -6.99
N LYS B 227 6.41 27.64 -6.99
CA LYS B 227 5.80 26.44 -6.45
C LYS B 227 6.06 26.26 -4.96
N LEU B 228 6.78 27.18 -4.33
CA LEU B 228 7.23 27.03 -2.94
C LEU B 228 6.32 27.79 -1.98
N LEU B 229 5.90 27.11 -0.93
CA LEU B 229 5.28 27.75 0.23
C LEU B 229 6.20 27.57 1.44
N ILE B 230 6.20 28.55 2.31
CA ILE B 230 6.82 28.40 3.63
C ILE B 230 5.69 28.31 4.65
N THR B 231 6.02 27.83 5.85
CA THR B 231 5.03 27.52 6.87
C THR B 231 5.27 28.38 8.10
N GLY B 232 4.19 28.97 8.63
CA GLY B 232 4.24 29.66 9.90
C GLY B 232 3.08 29.21 10.78
N ASP B 233 3.22 29.51 12.08
CA ASP B 233 2.29 29.04 13.10
C ASP B 233 1.83 30.23 13.92
N PRO B 234 0.52 30.42 14.12
CA PRO B 234 0.05 31.60 14.85
C PRO B 234 0.63 31.74 16.25
N GLU B 235 1.10 30.66 16.87
CA GLU B 235 1.56 30.69 18.25
C GLU B 235 3.07 30.76 18.39
N LEU B 236 3.82 30.74 17.29
CA LEU B 236 5.27 30.74 17.33
C LEU B 236 5.80 32.15 17.04
N MET B 237 7.06 32.36 17.38
CA MET B 237 7.69 33.65 17.20
C MET B 237 9.00 33.45 16.44
N THR B 238 9.54 34.57 15.95
CA THR B 238 10.80 34.57 15.22
C THR B 238 11.42 35.94 15.40
N THR B 239 12.70 36.07 15.08
CA THR B 239 13.39 37.35 15.26
C THR B 239 13.48 38.09 13.94
N ASP B 240 13.05 39.35 13.92
CA ASP B 240 13.04 40.15 12.70
C ASP B 240 14.46 40.64 12.38
N ASN B 241 14.58 41.38 11.28
CA ASN B 241 15.90 41.81 10.85
C ASN B 241 16.49 42.89 11.76
N ASN B 242 15.66 43.53 12.59
CA ASN B 242 16.14 44.45 13.60
C ASN B 242 16.36 43.77 14.94
N ASP B 243 16.52 42.44 14.94
CA ASP B 243 16.80 41.61 16.11
C ASP B 243 15.65 41.58 17.11
N GLY B 244 14.51 42.21 16.81
CA GLY B 244 13.34 42.10 17.67
C GLY B 244 12.61 40.76 17.54
N LEU B 245 11.78 40.46 18.54
CA LEU B 245 10.96 39.25 18.55
C LEU B 245 9.59 39.55 17.98
N VAL B 246 9.15 38.77 16.98
CA VAL B 246 7.88 39.02 16.27
C VAL B 246 7.18 37.70 15.96
N SER B 247 5.86 37.81 15.74
CA SER B 247 5.04 36.67 15.35
C SER B 247 5.47 36.11 13.99
N GLN B 248 5.59 34.78 13.91
CA GLN B 248 5.95 34.10 12.65
C GLN B 248 5.07 34.54 11.48
N VAL B 249 3.75 34.41 11.62
CA VAL B 249 2.87 34.52 10.46
C VAL B 249 3.05 35.87 9.74
N PRO B 250 2.88 37.04 10.40
CA PRO B 250 3.08 38.30 9.66
C PRO B 250 4.53 38.48 9.20
N PHE B 251 5.51 38.04 10.00
CA PHE B 251 6.88 38.12 9.51
C PHE B 251 7.08 37.21 8.29
N PHE B 252 6.65 35.94 8.37
CA PHE B 252 6.88 35.04 7.25
C PHE B 252 6.13 35.48 6.01
N ALA B 253 4.96 36.12 6.19
CA ALA B 253 4.24 36.68 5.05
C ALA B 253 5.09 37.69 4.31
N ILE B 254 5.79 38.56 5.05
CA ILE B 254 6.75 39.48 4.44
C ILE B 254 7.83 38.71 3.70
N GLN B 255 8.41 37.69 4.35
CA GLN B 255 9.53 36.99 3.74
C GLN B 255 9.15 36.23 2.49
N VAL B 256 7.85 35.89 2.31
CA VAL B 256 7.40 35.30 1.06
C VAL B 256 7.93 36.11 -0.12
N ILE B 257 7.98 37.43 0.04
CA ILE B 257 8.49 38.32 -0.99
C ILE B 257 9.99 38.58 -0.82
N ASP B 258 10.43 38.94 0.38
CA ASP B 258 11.83 39.38 0.55
C ASP B 258 12.82 38.24 0.42
N CYS B 259 12.49 37.03 0.86
CA CYS B 259 13.44 35.89 0.81
C CYS B 259 13.26 35.20 -0.56
N GLY B 260 13.38 35.96 -1.65
CA GLY B 260 13.21 35.46 -3.03
C GLY B 260 11.76 35.37 -3.30
N PRO B 261 11.13 36.19 -4.17
CA PRO B 261 9.70 36.01 -4.32
C PRO B 261 9.33 34.54 -4.59
N ILE B 262 8.59 33.91 -3.65
CA ILE B 262 8.15 32.52 -3.82
C ILE B 262 6.64 32.50 -4.03
N GLY B 263 6.01 31.33 -3.88
CA GLY B 263 4.62 31.18 -4.25
C GLY B 263 3.62 31.57 -3.16
N GLY B 264 4.00 31.43 -1.90
CA GLY B 264 3.08 31.91 -0.88
C GLY B 264 3.36 31.27 0.46
N LEU B 265 2.30 31.17 1.27
CA LEU B 265 2.43 30.90 2.69
C LEU B 265 1.42 29.85 3.10
N MET B 266 1.85 28.92 3.95
CA MET B 266 0.98 27.95 4.59
C MET B 266 0.95 28.24 6.08
N ILE B 267 -0.25 28.38 6.63
CA ILE B 267 -0.43 28.68 8.05
C ILE B 267 -0.86 27.38 8.74
N GLN B 268 0.09 26.72 9.39
CA GLN B 268 -0.32 25.56 10.18
C GLN B 268 -1.05 26.04 11.43
N ASN B 269 -1.76 25.11 12.07
CA ASN B 269 -2.39 25.37 13.36
C ASN B 269 -3.24 26.65 13.32
N VAL B 270 -4.06 26.76 12.26
CA VAL B 270 -4.76 28.00 11.99
C VAL B 270 -5.89 28.25 12.99
N ALA B 271 -6.35 27.20 13.66
CA ALA B 271 -7.43 27.36 14.63
C ALA B 271 -7.00 28.19 15.84
N ALA B 272 -5.70 28.22 16.13
CA ALA B 272 -5.19 29.12 17.15
C ALA B 272 -5.31 30.58 16.75
N ASP B 273 -5.53 30.86 15.47
CA ASP B 273 -5.71 32.23 14.99
C ASP B 273 -7.19 32.64 14.99
N TYR B 274 -8.09 31.76 15.44
CA TYR B 274 -9.52 32.10 15.45
C TYR B 274 -9.78 33.35 16.28
N SER B 275 -9.37 33.35 17.54
CA SER B 275 -9.87 34.31 18.53
C SER B 275 -9.04 35.59 18.58
N HIS B 276 -9.73 36.72 18.39
CA HIS B 276 -9.13 38.05 18.48
C HIS B 276 -10.17 38.99 19.07
N ALA B 277 -9.82 40.27 19.19
CA ALA B 277 -10.75 41.25 19.76
C ALA B 277 -12.14 41.16 19.12
N ASN B 278 -12.22 41.42 17.81
CA ASN B 278 -13.51 41.25 17.18
C ASN B 278 -13.48 40.67 15.77
N ILE B 279 -12.35 40.52 15.10
CA ILE B 279 -12.35 39.90 13.78
C ILE B 279 -11.62 38.57 13.88
N THR B 280 -12.24 37.50 13.39
CA THR B 280 -11.65 36.18 13.46
C THR B 280 -10.48 36.05 12.47
N TYR B 281 -9.54 35.15 12.79
CA TYR B 281 -8.48 34.76 11.88
C TYR B 281 -7.71 35.99 11.40
N LYS B 282 -7.38 36.84 12.38
CA LYS B 282 -6.80 38.15 12.11
C LYS B 282 -5.44 38.03 11.44
N GLU B 283 -4.57 37.16 11.93
CA GLU B 283 -3.26 37.02 11.29
C GLU B 283 -3.41 36.48 9.87
N THR B 284 -4.34 35.54 9.66
CA THR B 284 -4.54 34.98 8.33
C THR B 284 -5.04 36.05 7.36
N ARG B 285 -6.00 36.87 7.80
CA ARG B 285 -6.49 37.99 7.01
C ARG B 285 -5.38 38.99 6.71
N GLY B 286 -4.58 39.33 7.72
CA GLY B 286 -3.52 40.30 7.49
C GLY B 286 -2.46 39.77 6.55
N ALA B 287 -2.15 38.47 6.62
CA ALA B 287 -1.17 37.89 5.70
C ALA B 287 -1.65 37.98 4.27
N ILE B 288 -2.96 37.78 4.05
CA ILE B 288 -3.54 37.88 2.71
C ILE B 288 -3.55 39.35 2.22
N GLN B 289 -3.93 40.29 3.10
CA GLN B 289 -3.95 41.70 2.71
C GLN B 289 -2.53 42.21 2.45
N THR B 290 -1.56 41.75 3.25
CA THR B 290 -0.16 42.11 3.03
C THR B 290 0.35 41.61 1.68
N LEU B 291 0.08 40.34 1.36
CA LEU B 291 0.58 39.72 0.12
C LEU B 291 -0.18 40.22 -1.10
N ASN B 292 -1.51 40.27 -1.03
CA ASN B 292 -2.36 40.62 -2.16
C ASN B 292 -3.31 41.73 -1.73
N PRO B 293 -2.80 42.95 -1.58
CA PRO B 293 -3.65 44.05 -1.09
C PRO B 293 -4.86 44.28 -1.98
N SER B 294 -5.95 44.64 -1.34
CA SER B 294 -7.18 44.92 -2.07
C SER B 294 -7.09 46.24 -2.82
N PRO B 295 -7.61 46.30 -4.05
CA PRO B 295 -7.72 47.60 -4.76
C PRO B 295 -8.71 48.56 -4.12
N LEU B 296 -9.59 48.10 -3.22
CA LEU B 296 -10.73 48.87 -2.72
C LEU B 296 -10.69 49.03 -1.20
N PRO C 18 -5.37 -10.66 -27.82
CA PRO C 18 -4.31 -11.29 -27.06
C PRO C 18 -3.79 -10.31 -26.00
N GLU C 19 -3.44 -9.09 -26.43
CA GLU C 19 -3.08 -8.05 -25.46
C GLU C 19 -4.30 -7.33 -24.89
N LEU C 20 -5.45 -7.38 -25.57
CA LEU C 20 -6.68 -6.92 -24.93
C LEU C 20 -7.01 -7.80 -23.75
N TYR C 21 -6.77 -9.11 -23.89
CA TYR C 21 -7.10 -10.03 -22.81
C TYR C 21 -6.20 -9.81 -21.61
N ALA C 22 -4.90 -9.54 -21.84
CA ALA C 22 -4.01 -9.22 -20.74
C ALA C 22 -4.46 -7.96 -20.01
N ARG C 23 -5.04 -7.00 -20.72
CA ARG C 23 -5.59 -5.83 -20.04
C ARG C 23 -6.83 -6.19 -19.23
N TYR C 24 -7.63 -7.12 -19.75
CA TYR C 24 -8.83 -7.55 -19.05
C TYR C 24 -8.48 -8.31 -17.76
N THR C 25 -7.50 -9.21 -17.80
CA THR C 25 -7.18 -9.96 -16.60
C THR C 25 -6.49 -9.09 -15.57
N GLN C 26 -5.60 -8.20 -16.00
CA GLN C 26 -5.08 -7.19 -15.10
C GLN C 26 -6.23 -6.44 -14.42
N ALA C 27 -7.25 -6.08 -15.20
CA ALA C 27 -8.41 -5.36 -14.66
C ALA C 27 -9.12 -6.17 -13.57
N VAL C 28 -9.36 -7.46 -13.84
CA VAL C 28 -10.00 -8.33 -12.85
C VAL C 28 -9.15 -8.41 -11.58
N ARG C 29 -7.84 -8.61 -11.74
CA ARG C 29 -6.95 -8.74 -10.59
C ARG C 29 -6.92 -7.46 -9.74
N ASN C 30 -6.85 -6.30 -10.40
CA ASN C 30 -6.94 -5.05 -9.62
C ASN C 30 -8.28 -4.96 -8.91
N TYR C 31 -9.36 -5.39 -9.57
CA TYR C 31 -10.66 -5.39 -8.92
C TYR C 31 -10.63 -6.18 -7.61
N LYS C 32 -10.06 -7.39 -7.65
CA LYS C 32 -10.05 -8.20 -6.43
C LYS C 32 -9.33 -7.50 -5.28
N SER C 33 -8.28 -6.72 -5.60
CA SER C 33 -7.43 -6.19 -4.54
C SER C 33 -7.94 -4.87 -3.96
N ARG C 34 -8.93 -4.23 -4.57
CA ARG C 34 -9.53 -3.03 -3.99
C ARG C 34 -10.73 -3.41 -3.12
N LYS C 35 -11.19 -2.44 -2.33
CA LYS C 35 -12.30 -2.65 -1.42
C LYS C 35 -13.58 -2.87 -2.22
N HIS C 36 -14.26 -3.99 -1.96
CA HIS C 36 -15.52 -4.26 -2.65
C HIS C 36 -16.30 -5.30 -1.84
N TYR C 37 -17.56 -5.49 -2.20
CA TYR C 37 -18.35 -6.55 -1.58
C TYR C 37 -17.92 -7.87 -2.19
N ALA C 38 -17.54 -8.82 -1.34
CA ALA C 38 -17.09 -10.09 -1.87
C ALA C 38 -18.28 -10.94 -2.31
N VAL C 39 -18.07 -11.74 -3.34
CA VAL C 39 -18.98 -12.80 -3.71
C VAL C 39 -18.15 -14.07 -3.84
N CYS C 40 -18.44 -15.07 -3.00
CA CYS C 40 -17.76 -16.36 -2.96
C CYS C 40 -18.75 -17.48 -3.22
N VAL C 41 -18.25 -18.61 -3.75
CA VAL C 41 -19.12 -19.69 -4.18
C VAL C 41 -18.56 -21.02 -3.70
N ARG C 42 -19.48 -21.97 -3.50
CA ARG C 42 -19.16 -23.35 -3.17
C ARG C 42 -19.53 -24.22 -4.37
N PHE C 43 -18.53 -24.91 -4.93
CA PHE C 43 -18.66 -25.59 -6.21
C PHE C 43 -18.43 -27.07 -6.02
N ASP C 44 -19.38 -27.88 -6.47
CA ASP C 44 -19.33 -29.34 -6.44
C ASP C 44 -18.40 -29.80 -7.56
N ASN C 45 -17.10 -29.83 -7.27
CA ASN C 45 -16.07 -30.14 -8.27
C ASN C 45 -15.83 -31.65 -8.39
N GLY C 46 -15.14 -32.04 -9.45
CA GLY C 46 -14.69 -33.39 -9.63
C GLY C 46 -15.47 -34.21 -10.63
N HIS C 47 -16.67 -33.79 -11.00
CA HIS C 47 -17.46 -34.61 -11.90
C HIS C 47 -17.01 -34.37 -13.35
N SER C 48 -17.51 -35.20 -14.26
CA SER C 48 -17.22 -35.08 -15.68
C SER C 48 -18.40 -35.62 -16.46
N GLY C 49 -18.38 -35.40 -17.78
CA GLY C 49 -19.41 -35.90 -18.67
C GLY C 49 -20.43 -34.87 -19.10
N ASP C 50 -20.63 -33.81 -18.32
CA ASP C 50 -21.66 -32.80 -18.59
C ASP C 50 -21.13 -31.58 -19.34
N GLY C 51 -19.82 -31.52 -19.60
CA GLY C 51 -19.27 -30.36 -20.26
C GLY C 51 -18.84 -29.24 -19.34
N GLU C 52 -19.11 -28.00 -19.76
CA GLU C 52 -18.52 -26.85 -19.10
C GLU C 52 -18.85 -26.79 -17.60
N LYS C 53 -20.09 -27.09 -17.22
CA LYS C 53 -20.53 -26.91 -15.84
C LYS C 53 -19.79 -27.82 -14.86
N ASP C 54 -19.08 -28.84 -15.34
CA ASP C 54 -18.33 -29.68 -14.42
C ASP C 54 -17.02 -29.07 -13.97
N PHE C 55 -16.54 -28.02 -14.62
CA PHE C 55 -15.15 -27.62 -14.53
C PHE C 55 -14.98 -26.27 -13.83
N LEU C 56 -13.91 -26.14 -13.05
CA LEU C 56 -13.64 -24.90 -12.35
C LEU C 56 -13.53 -23.72 -13.31
N ARG C 57 -13.03 -23.96 -14.53
CA ARG C 57 -12.78 -22.86 -15.46
C ARG C 57 -14.06 -22.20 -15.92
N SER C 58 -15.23 -22.75 -15.59
CA SER C 58 -16.51 -22.10 -15.86
C SER C 58 -16.84 -21.00 -14.84
N MET C 59 -16.16 -20.94 -13.70
CA MET C 59 -16.52 -19.94 -12.70
C MET C 59 -16.45 -18.55 -13.32
N PRO C 60 -17.35 -17.64 -12.97
CA PRO C 60 -17.18 -16.24 -13.37
C PRO C 60 -15.79 -15.74 -12.96
N ASP C 61 -15.14 -15.01 -13.87
CA ASP C 61 -13.81 -14.47 -13.56
C ASP C 61 -13.79 -13.55 -12.36
N SER C 62 -14.93 -12.95 -11.98
CA SER C 62 -14.97 -11.90 -10.97
C SER C 62 -15.36 -12.38 -9.57
N ILE C 63 -15.60 -13.68 -9.37
CA ILE C 63 -15.78 -14.18 -8.01
C ILE C 63 -14.48 -14.06 -7.22
N ASP C 64 -14.61 -13.88 -5.90
CA ASP C 64 -13.45 -13.70 -5.04
C ASP C 64 -12.86 -15.02 -4.58
N ALA C 65 -13.70 -16.00 -4.26
CA ALA C 65 -13.21 -17.29 -3.79
C ALA C 65 -14.16 -18.38 -4.25
N VAL C 66 -13.60 -19.54 -4.60
CA VAL C 66 -14.40 -20.73 -4.83
C VAL C 66 -13.96 -21.79 -3.84
N ILE C 67 -14.91 -22.30 -3.07
CA ILE C 67 -14.70 -23.43 -2.17
C ILE C 67 -14.95 -24.72 -2.96
N LEU C 68 -13.99 -25.65 -2.91
CA LEU C 68 -14.11 -26.95 -3.56
C LEU C 68 -14.73 -27.95 -2.59
N GLU C 69 -15.91 -28.47 -2.93
CA GLU C 69 -16.58 -29.35 -1.97
C GLU C 69 -15.91 -30.70 -1.87
N ASN C 70 -15.17 -31.11 -2.90
CA ASN C 70 -14.48 -32.38 -2.94
C ASN C 70 -13.01 -32.11 -3.21
N ALA C 71 -12.27 -31.76 -2.16
CA ALA C 71 -10.93 -31.20 -2.31
C ALA C 71 -9.81 -32.11 -1.84
N ALA C 72 -10.12 -33.27 -1.26
CA ALA C 72 -9.07 -34.15 -0.75
C ALA C 72 -8.16 -34.62 -1.86
N THR C 73 -8.73 -35.29 -2.86
CA THR C 73 -7.99 -35.70 -4.05
C THR C 73 -8.61 -35.03 -5.26
N LEU C 74 -7.78 -34.43 -6.10
CA LEU C 74 -8.22 -33.59 -7.20
C LEU C 74 -7.78 -34.22 -8.49
N ASN C 75 -8.69 -34.32 -9.45
CA ASN C 75 -8.39 -34.90 -10.75
C ASN C 75 -7.58 -33.89 -11.59
N SER C 76 -7.30 -34.30 -12.83
CA SER C 76 -6.45 -33.52 -13.72
C SER C 76 -7.10 -32.20 -14.13
N ALA C 77 -8.41 -32.19 -14.33
CA ALA C 77 -9.08 -30.98 -14.76
C ALA C 77 -9.03 -29.91 -13.67
N ASP C 78 -9.25 -30.31 -12.41
CA ASP C 78 -9.18 -29.34 -11.32
C ASP C 78 -7.75 -28.85 -11.13
N LEU C 79 -6.76 -29.75 -11.24
CA LEU C 79 -5.36 -29.32 -11.07
C LEU C 79 -4.90 -28.38 -12.17
N GLU C 80 -5.49 -28.49 -13.37
CA GLU C 80 -5.20 -27.55 -14.45
C GLU C 80 -5.82 -26.19 -14.19
N ASP C 81 -7.10 -26.16 -13.76
CA ASP C 81 -7.85 -24.91 -13.66
C ASP C 81 -7.46 -24.05 -12.46
N ILE C 82 -7.13 -24.68 -11.33
CA ILE C 82 -6.83 -23.92 -10.12
C ILE C 82 -5.77 -22.85 -10.36
N PRO C 83 -4.58 -23.14 -10.91
CA PRO C 83 -3.56 -22.08 -11.09
C PRO C 83 -3.95 -21.00 -12.08
N VAL C 84 -4.73 -21.35 -13.11
CA VAL C 84 -5.26 -20.33 -14.00
C VAL C 84 -6.13 -19.36 -13.22
N LEU C 85 -7.07 -19.89 -12.44
CA LEU C 85 -7.92 -19.05 -11.60
C LEU C 85 -7.08 -18.11 -10.74
N GLN C 86 -6.02 -18.62 -10.15
CA GLN C 86 -5.24 -17.84 -9.20
C GLN C 86 -4.39 -16.80 -9.92
N THR C 87 -3.76 -17.19 -11.02
CA THR C 87 -2.81 -16.32 -11.71
C THR C 87 -3.51 -15.30 -12.61
N ASN C 88 -4.45 -15.75 -13.44
CA ASN C 88 -5.17 -14.83 -14.32
C ASN C 88 -6.09 -13.91 -13.54
N PHE C 89 -6.81 -14.43 -12.53
CA PHE C 89 -7.92 -13.66 -11.96
C PHE C 89 -7.81 -13.41 -10.46
N ALA C 90 -6.75 -13.89 -9.79
CA ALA C 90 -6.57 -13.69 -8.35
C ALA C 90 -7.74 -14.27 -7.56
N THR C 91 -8.38 -15.31 -8.10
CA THR C 91 -9.47 -15.99 -7.41
C THR C 91 -8.89 -16.93 -6.35
N LYS C 92 -9.42 -16.85 -5.13
CA LYS C 92 -9.01 -17.76 -4.08
C LYS C 92 -9.70 -19.11 -4.27
N VAL C 93 -8.94 -20.19 -4.06
CA VAL C 93 -9.45 -21.55 -4.21
C VAL C 93 -9.26 -22.26 -2.87
N LEU C 94 -10.36 -22.57 -2.20
CA LEU C 94 -10.32 -23.05 -0.83
C LEU C 94 -10.82 -24.49 -0.70
N PHE C 95 -10.32 -25.15 0.34
CA PHE C 95 -10.65 -26.53 0.68
C PHE C 95 -11.91 -26.54 1.54
N SER C 96 -12.90 -27.35 1.14
CA SER C 96 -14.10 -27.49 1.96
C SER C 96 -13.88 -28.54 3.04
N PHE C 97 -13.83 -28.10 4.30
CA PHE C 97 -13.71 -29.00 5.43
C PHE C 97 -15.04 -29.04 6.18
N ASN C 98 -15.70 -30.19 6.11
CA ASN C 98 -17.03 -30.35 6.72
C ASN C 98 -16.87 -30.92 8.12
N LEU C 99 -16.68 -30.03 9.10
CA LEU C 99 -16.51 -30.49 10.47
C LEU C 99 -17.75 -31.21 10.98
N THR C 100 -18.94 -30.80 10.52
CA THR C 100 -20.16 -31.49 10.92
C THR C 100 -20.11 -32.95 10.51
N SER C 101 -19.47 -33.26 9.38
CA SER C 101 -19.46 -34.64 8.88
C SER C 101 -18.55 -35.54 9.70
N ILE C 102 -17.38 -35.03 10.08
CA ILE C 102 -16.50 -35.79 10.96
C ILE C 102 -17.24 -36.14 12.24
N LYS C 103 -17.76 -35.13 12.93
CA LYS C 103 -18.50 -35.36 14.17
C LYS C 103 -19.62 -36.38 13.98
N GLU C 104 -20.40 -36.23 12.91
CA GLU C 104 -21.50 -37.17 12.68
C GLU C 104 -20.97 -38.58 12.42
N ASN C 105 -19.83 -38.68 11.73
CA ASN C 105 -19.27 -39.99 11.37
C ASN C 105 -18.67 -40.70 12.59
N ALA C 106 -18.04 -39.94 13.47
CA ALA C 106 -17.53 -40.54 14.71
C ALA C 106 -18.67 -41.04 15.58
N GLU C 107 -19.75 -40.26 15.65
CA GLU C 107 -20.86 -40.64 16.51
C GLU C 107 -21.61 -41.86 15.95
N SER C 108 -21.80 -41.93 14.63
CA SER C 108 -22.50 -43.06 14.04
C SER C 108 -21.69 -44.36 14.10
N SER C 109 -20.36 -44.27 14.22
CA SER C 109 -19.50 -45.44 14.23
C SER C 109 -18.92 -45.72 15.62
N GLY C 110 -19.41 -45.02 16.65
CA GLY C 110 -18.92 -45.18 18.00
C GLY C 110 -17.49 -44.74 18.23
N GLN C 111 -16.71 -44.46 17.20
CA GLN C 111 -15.35 -43.99 17.42
C GLN C 111 -15.38 -42.59 18.06
N GLU C 112 -14.21 -42.15 18.51
CA GLU C 112 -14.09 -40.88 19.21
C GLU C 112 -13.73 -39.78 18.22
N ILE C 113 -14.28 -38.59 18.44
CA ILE C 113 -14.12 -37.49 17.47
C ILE C 113 -12.67 -37.31 17.08
N LYS C 114 -11.76 -37.35 18.07
CA LYS C 114 -10.34 -37.16 17.80
C LYS C 114 -9.79 -38.21 16.84
N THR C 115 -10.36 -39.41 16.83
CA THR C 115 -9.81 -40.47 15.98
C THR C 115 -10.03 -40.18 14.50
N LEU C 116 -11.15 -39.53 14.15
CA LEU C 116 -11.39 -39.16 12.77
C LEU C 116 -10.88 -37.76 12.45
N LEU C 117 -11.05 -36.82 13.39
CA LEU C 117 -10.72 -35.42 13.13
C LEU C 117 -9.24 -35.24 12.79
N ALA C 118 -8.35 -35.83 13.58
CA ALA C 118 -6.92 -35.62 13.39
C ALA C 118 -6.42 -36.13 12.04
N PRO C 119 -6.74 -37.35 11.60
CA PRO C 119 -6.33 -37.72 10.23
C PRO C 119 -6.91 -36.79 9.17
N ALA C 120 -8.18 -36.42 9.30
CA ALA C 120 -8.82 -35.54 8.33
C ALA C 120 -8.13 -34.18 8.27
N LEU C 121 -7.76 -33.63 9.43
CA LEU C 121 -7.09 -32.33 9.45
C LEU C 121 -5.73 -32.40 8.77
N GLU C 122 -4.98 -33.49 8.98
CA GLU C 122 -3.69 -33.63 8.30
C GLU C 122 -3.86 -33.71 6.80
N GLN C 123 -4.86 -34.49 6.33
CA GLN C 123 -5.11 -34.59 4.89
C GLN C 123 -5.41 -33.22 4.29
N MET C 124 -6.23 -32.42 4.96
CA MET C 124 -6.47 -31.04 4.53
C MET C 124 -5.17 -30.26 4.40
N VAL C 125 -4.40 -30.19 5.48
CA VAL C 125 -3.13 -29.45 5.45
C VAL C 125 -2.25 -29.95 4.32
N SER C 126 -2.15 -31.28 4.16
CA SER C 126 -1.34 -31.81 3.07
C SER C 126 -1.94 -31.45 1.70
N ALA C 127 -3.28 -31.42 1.61
CA ALA C 127 -3.93 -31.07 0.36
C ALA C 127 -3.72 -29.60 0.02
N ILE C 128 -3.85 -28.71 1.02
CA ILE C 128 -3.64 -27.29 0.77
C ILE C 128 -2.24 -27.05 0.23
N THR C 129 -1.25 -27.74 0.80
CA THR C 129 0.13 -27.55 0.39
C THR C 129 0.43 -28.24 -0.94
N ASP C 130 -0.01 -29.48 -1.11
CA ASP C 130 0.35 -30.22 -2.32
C ASP C 130 -0.31 -29.65 -3.57
N ASN C 131 -1.53 -29.14 -3.43
CA ASN C 131 -2.31 -28.70 -4.58
C ASN C 131 -2.37 -27.18 -4.70
N GLY C 132 -1.56 -26.45 -3.93
CA GLY C 132 -1.50 -25.01 -4.08
C GLY C 132 -2.78 -24.29 -3.72
N LEU C 133 -3.53 -24.80 -2.74
CA LEU C 133 -4.77 -24.16 -2.33
C LEU C 133 -4.46 -22.95 -1.44
N ASP C 134 -5.39 -22.00 -1.43
CA ASP C 134 -5.22 -20.75 -0.70
C ASP C 134 -5.68 -20.82 0.75
N GLY C 135 -6.24 -21.94 1.16
CA GLY C 135 -6.72 -22.10 2.52
C GLY C 135 -7.89 -23.06 2.55
N ALA C 136 -8.76 -22.88 3.54
CA ALA C 136 -9.92 -23.74 3.65
C ALA C 136 -11.11 -22.97 4.17
N SER C 137 -12.29 -23.55 3.99
CA SER C 137 -13.53 -23.06 4.57
C SER C 137 -14.09 -24.14 5.49
N ILE C 138 -14.20 -23.83 6.79
CA ILE C 138 -14.61 -24.77 7.81
C ILE C 138 -16.10 -24.61 8.06
N SER C 139 -16.87 -25.66 7.82
CA SER C 139 -18.30 -25.61 8.03
C SER C 139 -18.67 -26.46 9.24
N TYR C 140 -19.51 -25.91 10.11
CA TYR C 140 -19.95 -26.61 11.30
C TYR C 140 -21.37 -26.17 11.64
N THR C 141 -22.26 -27.14 11.86
CA THR C 141 -23.63 -26.81 12.24
C THR C 141 -24.08 -27.49 13.54
N GLY C 142 -23.19 -28.18 14.25
CA GLY C 142 -23.53 -28.83 15.50
C GLY C 142 -23.38 -27.94 16.74
N ASP C 143 -23.32 -28.59 17.89
CA ASP C 143 -23.31 -27.91 19.18
C ASP C 143 -22.08 -27.03 19.31
N ILE C 144 -22.28 -25.74 19.61
CA ILE C 144 -21.16 -24.83 19.72
C ILE C 144 -20.76 -24.66 21.18
N GLY C 145 -21.26 -25.53 22.04
CA GLY C 145 -20.78 -25.67 23.41
C GLY C 145 -21.04 -24.51 24.35
N LEU C 146 -22.22 -23.91 24.24
CA LEU C 146 -22.57 -22.75 25.10
C LEU C 146 -23.74 -23.14 26.00
N GLY C 147 -24.02 -24.43 26.12
CA GLY C 147 -25.13 -24.89 26.96
C GLY C 147 -24.70 -25.22 28.37
N ASN C 148 -25.54 -25.93 29.12
CA ASN C 148 -25.23 -26.20 30.54
C ASN C 148 -24.45 -27.51 30.71
N ASN C 149 -24.58 -28.43 29.76
CA ASN C 149 -23.93 -29.74 29.90
C ASN C 149 -22.41 -29.57 29.79
N ALA C 150 -21.70 -29.70 30.91
CA ALA C 150 -20.25 -29.59 30.90
C ALA C 150 -19.55 -30.75 30.20
N ALA C 151 -20.20 -31.92 30.11
CA ALA C 151 -19.65 -33.02 29.32
C ALA C 151 -19.69 -32.70 27.83
N VAL C 152 -20.84 -32.20 27.37
CA VAL C 152 -20.94 -31.77 25.97
C VAL C 152 -19.94 -30.67 25.68
N ASN C 153 -19.99 -29.58 26.45
CA ASN C 153 -19.13 -28.42 26.21
C ASN C 153 -17.65 -28.80 26.25
N ALA C 154 -17.31 -29.88 26.96
CA ALA C 154 -15.93 -30.33 26.98
C ALA C 154 -15.55 -31.04 25.69
N SER C 155 -16.44 -31.86 25.15
CA SER C 155 -16.16 -32.54 23.88
C SER C 155 -16.01 -31.52 22.75
N ILE C 156 -16.91 -30.54 22.69
CA ILE C 156 -16.79 -29.45 21.73
C ILE C 156 -15.45 -28.74 21.90
N THR C 157 -15.08 -28.42 23.15
CA THR C 157 -13.86 -27.64 23.37
C THR C 157 -12.63 -28.37 22.83
N GLU C 158 -12.56 -29.69 23.02
CA GLU C 158 -11.44 -30.42 22.45
C GLU C 158 -11.50 -30.41 20.93
N MET C 159 -12.70 -30.46 20.37
CA MET C 159 -12.84 -30.43 18.91
C MET C 159 -12.24 -29.14 18.34
N ARG C 160 -12.70 -27.97 18.81
CA ARG C 160 -12.22 -26.73 18.21
C ARG C 160 -10.74 -26.52 18.47
N GLN C 161 -10.23 -27.01 19.60
CA GLN C 161 -8.83 -26.81 19.91
C GLN C 161 -7.94 -27.61 18.96
N LEU C 162 -8.34 -28.84 18.66
CA LEU C 162 -7.60 -29.62 17.67
C LEU C 162 -7.70 -28.98 16.29
N LEU C 163 -8.88 -28.44 15.94
CA LEU C 163 -9.00 -27.69 14.69
C LEU C 163 -8.10 -26.46 14.69
N LEU C 164 -8.19 -25.65 15.73
CA LEU C 164 -7.40 -24.42 15.77
C LEU C 164 -5.91 -24.72 15.76
N ASP C 165 -5.50 -25.80 16.42
CA ASP C 165 -4.09 -26.15 16.46
C ASP C 165 -3.55 -26.44 15.07
N LYS C 166 -4.34 -27.09 14.22
CA LYS C 166 -3.84 -27.43 12.89
C LYS C 166 -3.85 -26.24 11.96
N ILE C 167 -4.89 -25.41 12.00
CA ILE C 167 -5.02 -24.35 11.00
C ILE C 167 -4.32 -23.04 11.38
N THR C 168 -4.07 -22.79 12.68
CA THR C 168 -3.42 -21.53 13.05
C THR C 168 -2.04 -21.35 12.42
N PRO C 169 -1.15 -22.36 12.41
CA PRO C 169 0.15 -22.13 11.72
C PRO C 169 0.00 -21.70 10.28
N LEU C 170 -0.97 -22.29 9.55
CA LEU C 170 -1.17 -21.96 8.15
C LEU C 170 -1.71 -20.54 8.00
N ALA C 171 -2.63 -20.13 8.88
CA ALA C 171 -3.17 -18.77 8.83
C ALA C 171 -2.08 -17.73 9.09
N LYS C 172 -1.20 -18.01 10.06
CA LYS C 172 -0.07 -17.11 10.30
C LYS C 172 0.87 -17.06 9.11
N ASN C 173 0.94 -18.14 8.33
CA ASN C 173 1.73 -18.18 7.10
C ASN C 173 0.99 -17.60 5.90
N GLY C 174 -0.18 -16.99 6.11
CA GLY C 174 -0.91 -16.34 5.03
C GLY C 174 -2.00 -17.13 4.35
N LYS C 175 -2.22 -18.40 4.72
CA LYS C 175 -3.39 -19.11 4.23
C LYS C 175 -4.64 -18.46 4.82
N ILE C 176 -5.77 -18.56 4.11
CA ILE C 176 -6.97 -17.87 4.53
C ILE C 176 -8.06 -18.89 4.89
N PHE C 177 -8.86 -18.57 5.90
CA PHE C 177 -9.81 -19.52 6.45
C PHE C 177 -11.15 -18.83 6.65
N PHE C 178 -12.21 -19.47 6.18
CA PHE C 178 -13.57 -19.07 6.51
C PHE C 178 -14.13 -20.02 7.57
N LEU C 179 -15.06 -19.50 8.38
CA LEU C 179 -15.85 -20.33 9.27
C LEU C 179 -17.30 -20.22 8.85
N GLU C 180 -17.87 -21.31 8.34
CA GLU C 180 -19.28 -21.38 7.97
C GLU C 180 -19.98 -22.01 9.17
N SER C 181 -20.39 -21.16 10.11
CA SER C 181 -20.88 -21.62 11.40
C SER C 181 -21.42 -20.41 12.15
N ASN C 182 -21.81 -20.64 13.41
CA ASN C 182 -22.07 -19.57 14.35
C ASN C 182 -20.74 -19.01 14.84
N PRO C 183 -20.48 -17.71 14.68
CA PRO C 183 -19.18 -17.17 15.13
C PRO C 183 -18.93 -17.35 16.63
N LEU C 184 -20.00 -17.48 17.44
CA LEU C 184 -19.83 -17.73 18.87
C LEU C 184 -19.07 -19.02 19.14
N PHE C 185 -18.98 -19.90 18.13
CA PHE C 185 -18.19 -21.13 18.25
C PHE C 185 -16.70 -20.85 18.48
N ILE C 186 -16.21 -19.68 18.09
CA ILE C 186 -14.79 -19.36 18.21
C ILE C 186 -14.61 -18.37 19.37
N PRO C 187 -13.80 -18.68 20.37
CA PRO C 187 -13.58 -17.72 21.45
C PRO C 187 -12.90 -16.47 20.92
N GLU C 188 -13.23 -15.33 21.56
CA GLU C 188 -12.72 -14.03 21.14
C GLU C 188 -11.20 -14.01 20.99
N ALA C 189 -10.50 -14.90 21.70
CA ALA C 189 -9.04 -14.94 21.59
C ALA C 189 -8.58 -15.38 20.20
N ASN C 190 -9.32 -16.28 19.55
CA ASN C 190 -8.85 -16.85 18.29
C ASN C 190 -9.53 -16.26 17.05
N ARG C 191 -10.38 -15.26 17.22
CA ARG C 191 -11.20 -14.77 16.12
C ARG C 191 -10.40 -14.34 14.89
N ASP C 192 -9.12 -13.99 15.05
CA ASP C 192 -8.36 -13.54 13.91
C ASP C 192 -7.79 -14.70 13.10
N VAL C 193 -8.10 -15.94 13.49
CA VAL C 193 -7.74 -17.06 12.66
C VAL C 193 -8.56 -17.07 11.37
N PHE C 194 -9.80 -16.57 11.44
CA PHE C 194 -10.74 -16.62 10.31
C PHE C 194 -10.84 -15.26 9.65
N THR C 195 -10.62 -15.23 8.33
CA THR C 195 -10.73 -14.00 7.54
C THR C 195 -12.19 -13.60 7.33
N ARG C 196 -13.10 -14.56 7.22
CA ARG C 196 -14.50 -14.28 6.98
C ARG C 196 -15.37 -15.15 7.89
N TYR C 197 -16.48 -14.59 8.35
CA TYR C 197 -17.46 -15.34 9.13
C TYR C 197 -18.74 -15.44 8.30
N VAL C 198 -19.09 -16.67 7.92
CA VAL C 198 -20.15 -16.91 6.96
C VAL C 198 -21.37 -17.38 7.73
N LEU C 199 -22.43 -16.58 7.70
CA LEU C 199 -23.63 -16.90 8.44
C LEU C 199 -24.53 -17.85 7.65
N ASN C 200 -25.11 -18.82 8.35
CA ASN C 200 -25.99 -19.85 7.78
C ASN C 200 -27.39 -19.27 7.65
N THR C 201 -27.67 -18.60 6.54
CA THR C 201 -28.92 -17.87 6.39
C THR C 201 -29.84 -18.46 5.33
N THR C 202 -29.50 -19.63 4.76
CA THR C 202 -30.35 -20.16 3.69
C THR C 202 -31.77 -20.44 4.15
N SER C 203 -31.98 -20.67 5.45
CA SER C 203 -33.31 -20.94 5.98
C SER C 203 -34.01 -19.69 6.50
N SER C 204 -33.41 -18.51 6.37
CA SER C 204 -34.08 -17.27 6.74
C SER C 204 -35.17 -16.97 5.72
N LYS C 205 -36.42 -16.82 6.18
CA LYS C 205 -37.53 -16.60 5.25
C LYS C 205 -37.63 -15.17 4.75
N ASN C 206 -36.97 -14.22 5.41
CA ASN C 206 -37.28 -12.83 5.16
C ASN C 206 -36.15 -11.94 5.67
N ALA C 207 -36.13 -10.70 5.17
CA ALA C 207 -35.07 -9.75 5.49
C ALA C 207 -34.93 -9.51 6.99
N SER C 208 -36.03 -9.57 7.74
CA SER C 208 -35.93 -9.30 9.17
C SER C 208 -35.17 -10.40 9.88
N GLN C 209 -35.39 -11.66 9.47
CA GLN C 209 -34.62 -12.76 10.04
C GLN C 209 -33.13 -12.61 9.75
N LEU C 210 -32.77 -12.01 8.61
CA LEU C 210 -31.38 -11.76 8.27
C LEU C 210 -30.72 -10.82 9.28
N ARG C 211 -31.35 -9.65 9.53
CA ARG C 211 -30.81 -8.70 10.50
C ARG C 211 -30.60 -9.34 11.86
N LEU C 212 -31.57 -10.13 12.33
CA LEU C 212 -31.41 -10.77 13.63
C LEU C 212 -30.12 -11.58 13.66
N LEU C 213 -29.88 -12.39 12.63
CA LEU C 213 -28.64 -13.17 12.56
C LEU C 213 -27.43 -12.22 12.41
N ILE C 214 -27.55 -11.20 11.56
CA ILE C 214 -26.43 -10.31 11.33
C ILE C 214 -26.12 -9.48 12.56
N ASN C 215 -27.15 -8.89 13.18
CA ASN C 215 -26.91 -8.07 14.37
C ASN C 215 -26.36 -8.91 15.52
N GLU C 216 -26.79 -10.18 15.63
CA GLU C 216 -26.27 -11.02 16.70
C GLU C 216 -24.77 -11.26 16.52
N ALA C 217 -24.34 -11.42 15.27
CA ALA C 217 -22.92 -11.65 15.01
C ALA C 217 -22.10 -10.38 15.21
N ILE C 218 -22.68 -9.23 14.85
CA ILE C 218 -21.96 -7.96 14.96
C ILE C 218 -21.87 -7.53 16.43
N TYR C 219 -22.98 -7.56 17.15
CA TYR C 219 -23.04 -6.94 18.47
C TYR C 219 -22.78 -7.92 19.61
N TYR C 220 -23.32 -9.13 19.54
CA TYR C 220 -23.13 -10.04 20.66
C TYR C 220 -21.92 -10.95 20.46
N ALA C 221 -21.60 -11.36 19.23
CA ALA C 221 -20.34 -12.06 18.97
C ALA C 221 -19.20 -11.10 18.65
N GLY C 222 -19.50 -9.86 18.29
CA GLY C 222 -18.45 -8.88 18.03
C GLY C 222 -17.60 -9.14 16.80
N ILE C 223 -18.19 -9.68 15.74
CA ILE C 223 -17.46 -9.79 14.48
C ILE C 223 -17.54 -8.45 13.75
N PRO C 224 -16.42 -7.91 13.27
CA PRO C 224 -16.49 -6.71 12.44
C PRO C 224 -17.36 -6.97 11.21
N SER C 225 -18.17 -5.98 10.86
CA SER C 225 -19.19 -6.18 9.83
C SER C 225 -18.59 -6.56 8.48
N ASP C 226 -17.41 -6.01 8.14
CA ASP C 226 -16.78 -6.34 6.87
C ASP C 226 -16.26 -7.77 6.78
N LYS C 227 -16.23 -8.49 7.89
CA LYS C 227 -15.78 -9.87 7.90
C LYS C 227 -16.93 -10.86 7.79
N LEU C 228 -18.18 -10.37 7.76
CA LEU C 228 -19.36 -11.21 7.70
C LEU C 228 -19.86 -11.38 6.26
N LEU C 229 -20.05 -12.63 5.86
CA LEU C 229 -20.83 -12.97 4.67
C LEU C 229 -22.12 -13.65 5.10
N ILE C 230 -23.20 -13.42 4.35
CA ILE C 230 -24.39 -14.25 4.46
C ILE C 230 -24.38 -15.24 3.30
N THR C 231 -25.21 -16.27 3.43
CA THR C 231 -25.26 -17.35 2.45
C THR C 231 -26.61 -17.39 1.73
N GLY C 232 -26.56 -17.59 0.40
CA GLY C 232 -27.74 -17.85 -0.38
C GLY C 232 -27.59 -19.09 -1.25
N ASP C 233 -28.71 -19.55 -1.79
CA ASP C 233 -28.75 -20.76 -2.59
C ASP C 233 -29.58 -20.56 -3.83
N PRO C 234 -29.03 -20.80 -5.03
CA PRO C 234 -29.79 -20.56 -6.27
C PRO C 234 -31.08 -21.34 -6.35
N GLU C 235 -31.22 -22.43 -5.60
CA GLU C 235 -32.38 -23.29 -5.71
C GLU C 235 -33.51 -22.91 -4.77
N LEU C 236 -33.35 -21.87 -3.97
CA LEU C 236 -34.36 -21.44 -3.02
C LEU C 236 -34.96 -20.10 -3.44
N MET C 237 -36.25 -19.94 -3.13
CA MET C 237 -36.94 -18.67 -3.26
C MET C 237 -37.07 -18.03 -1.89
N THR C 238 -37.30 -16.71 -1.88
CA THR C 238 -37.54 -15.97 -0.65
C THR C 238 -38.66 -14.95 -0.91
N THR C 239 -39.00 -14.17 0.10
CA THR C 239 -39.99 -13.11 -0.04
C THR C 239 -39.28 -11.76 -0.02
N ASP C 240 -39.59 -10.89 -0.99
CA ASP C 240 -38.94 -9.59 -1.04
C ASP C 240 -39.76 -8.56 -0.27
N ASN C 241 -39.40 -7.28 -0.44
CA ASN C 241 -40.01 -6.17 0.28
C ASN C 241 -41.25 -5.63 -0.43
N ASN C 242 -41.69 -6.29 -1.51
CA ASN C 242 -43.00 -6.08 -2.09
C ASN C 242 -43.96 -7.19 -1.69
N ASP C 243 -43.58 -8.04 -0.74
CA ASP C 243 -44.29 -9.28 -0.43
C ASP C 243 -44.36 -10.20 -1.65
N GLY C 244 -43.28 -10.29 -2.40
CA GLY C 244 -43.21 -11.12 -3.59
C GLY C 244 -42.25 -12.29 -3.47
N LEU C 245 -42.54 -13.37 -4.18
CA LEU C 245 -41.64 -14.50 -4.23
C LEU C 245 -40.54 -14.20 -5.26
N VAL C 246 -39.27 -14.32 -4.83
CA VAL C 246 -38.12 -14.04 -5.69
C VAL C 246 -37.02 -15.02 -5.34
N SER C 247 -36.05 -15.14 -6.25
CA SER C 247 -34.90 -15.98 -6.01
C SER C 247 -34.16 -15.50 -4.77
N GLN C 248 -33.72 -16.46 -3.96
CA GLN C 248 -33.01 -16.11 -2.74
C GLN C 248 -31.74 -15.31 -3.01
N VAL C 249 -30.98 -15.69 -4.04
CA VAL C 249 -29.64 -15.11 -4.20
C VAL C 249 -29.70 -13.62 -4.58
N PRO C 250 -30.46 -13.18 -5.58
CA PRO C 250 -30.49 -11.72 -5.87
C PRO C 250 -31.05 -10.90 -4.73
N PHE C 251 -31.98 -11.44 -3.96
CA PHE C 251 -32.51 -10.66 -2.85
C PHE C 251 -31.52 -10.58 -1.68
N PHE C 252 -30.82 -11.69 -1.39
CA PHE C 252 -29.79 -11.66 -0.34
C PHE C 252 -28.61 -10.78 -0.73
N ALA C 253 -28.31 -10.66 -2.03
CA ALA C 253 -27.27 -9.72 -2.43
C ALA C 253 -27.63 -8.31 -2.01
N ILE C 254 -28.89 -7.92 -2.20
CA ILE C 254 -29.34 -6.60 -1.79
C ILE C 254 -29.28 -6.45 -0.29
N GLN C 255 -29.58 -7.52 0.46
CA GLN C 255 -29.52 -7.47 1.91
C GLN C 255 -28.09 -7.38 2.45
N VAL C 256 -27.09 -7.74 1.65
CA VAL C 256 -25.70 -7.50 2.07
C VAL C 256 -25.54 -6.02 2.42
N ILE C 257 -26.18 -5.14 1.65
CA ILE C 257 -26.14 -3.71 1.91
C ILE C 257 -27.25 -3.30 2.86
N ASP C 258 -28.51 -3.55 2.49
CA ASP C 258 -29.64 -3.02 3.23
C ASP C 258 -29.80 -3.61 4.62
N CYS C 259 -29.16 -4.73 4.92
CA CYS C 259 -29.20 -5.25 6.29
C CYS C 259 -27.92 -4.89 7.03
N GLY C 260 -27.48 -3.64 6.82
CA GLY C 260 -26.32 -3.09 7.47
C GLY C 260 -25.09 -3.59 6.76
N PRO C 261 -24.35 -2.69 6.08
CA PRO C 261 -23.34 -3.14 5.11
C PRO C 261 -22.36 -4.12 5.72
N ILE C 262 -22.49 -5.40 5.35
CA ILE C 262 -21.55 -6.44 5.76
C ILE C 262 -20.60 -6.70 4.60
N GLY C 263 -19.81 -7.77 4.72
CA GLY C 263 -18.69 -7.95 3.82
C GLY C 263 -19.02 -8.56 2.48
N GLY C 264 -20.11 -9.33 2.37
CA GLY C 264 -20.42 -9.90 1.09
C GLY C 264 -21.39 -11.07 1.20
N LEU C 265 -21.36 -11.90 0.15
CA LEU C 265 -22.32 -12.98 -0.03
C LEU C 265 -21.60 -14.26 -0.38
N MET C 266 -22.05 -15.36 0.23
CA MET C 266 -21.60 -16.71 -0.07
C MET C 266 -22.72 -17.42 -0.83
N ILE C 267 -22.40 -17.94 -2.01
CA ILE C 267 -23.39 -18.64 -2.82
C ILE C 267 -23.08 -20.14 -2.71
N GLN C 268 -23.87 -20.85 -1.91
CA GLN C 268 -23.71 -22.28 -1.89
C GLN C 268 -24.42 -22.89 -3.11
N ASN C 269 -24.00 -24.11 -3.45
CA ASN C 269 -24.70 -24.89 -4.48
C ASN C 269 -24.72 -24.13 -5.80
N VAL C 270 -23.58 -23.55 -6.16
CA VAL C 270 -23.54 -22.60 -7.27
C VAL C 270 -23.68 -23.34 -8.61
N ALA C 271 -23.42 -24.65 -8.62
CA ALA C 271 -23.64 -25.40 -9.87
C ALA C 271 -25.09 -25.29 -10.33
N ALA C 272 -26.02 -25.19 -9.38
CA ALA C 272 -27.44 -25.03 -9.72
C ALA C 272 -27.68 -23.76 -10.52
N ASP C 273 -26.87 -22.72 -10.31
CA ASP C 273 -26.97 -21.46 -11.03
C ASP C 273 -26.50 -21.56 -12.48
N TYR C 274 -25.98 -22.72 -12.90
CA TYR C 274 -25.21 -22.75 -14.15
C TYR C 274 -26.04 -22.27 -15.33
N SER C 275 -27.27 -22.76 -15.46
CA SER C 275 -28.03 -22.58 -16.69
C SER C 275 -29.47 -22.18 -16.39
N HIS C 276 -29.82 -20.92 -16.67
CA HIS C 276 -31.20 -20.44 -16.69
C HIS C 276 -31.23 -18.95 -17.07
N ALA C 277 -30.46 -18.61 -18.11
CA ALA C 277 -30.37 -17.26 -18.68
C ALA C 277 -29.69 -17.38 -20.03
N ASN C 278 -29.37 -16.23 -20.61
CA ASN C 278 -28.60 -16.23 -21.87
C ASN C 278 -27.12 -16.18 -21.47
N ILE C 279 -26.87 -16.02 -20.18
CA ILE C 279 -25.49 -16.08 -19.73
C ILE C 279 -25.38 -17.17 -18.66
N THR C 280 -24.19 -17.73 -18.57
CA THR C 280 -23.81 -18.64 -17.52
C THR C 280 -23.82 -18.01 -16.12
N TYR C 281 -24.25 -18.80 -15.13
CA TYR C 281 -24.29 -18.41 -13.70
C TYR C 281 -24.99 -17.06 -13.50
N LYS C 282 -26.26 -17.02 -13.90
CA LYS C 282 -27.01 -15.77 -13.96
C LYS C 282 -27.03 -15.05 -12.61
N GLU C 283 -27.34 -15.77 -11.54
CA GLU C 283 -27.51 -15.08 -10.27
C GLU C 283 -26.18 -14.72 -9.62
N THR C 284 -25.16 -15.55 -9.80
CA THR C 284 -23.81 -15.19 -9.35
C THR C 284 -23.33 -13.91 -10.02
N ARG C 285 -23.40 -13.87 -11.36
CA ARG C 285 -22.98 -12.64 -12.04
C ARG C 285 -23.85 -11.47 -11.62
N GLY C 286 -25.15 -11.70 -11.49
CA GLY C 286 -26.04 -10.62 -11.10
C GLY C 286 -25.71 -10.06 -9.72
N ALA C 287 -25.37 -10.94 -8.78
CA ALA C 287 -25.03 -10.48 -7.43
C ALA C 287 -23.77 -9.62 -7.44
N ILE C 288 -22.75 -10.04 -8.20
CA ILE C 288 -21.53 -9.24 -8.31
C ILE C 288 -21.85 -7.85 -8.88
N GLN C 289 -22.65 -7.81 -9.95
CA GLN C 289 -23.00 -6.53 -10.60
C GLN C 289 -23.87 -5.66 -9.69
N THR C 290 -24.75 -6.29 -8.89
CA THR C 290 -25.62 -5.52 -8.01
C THR C 290 -24.83 -4.87 -6.87
N LEU C 291 -23.87 -5.60 -6.31
CA LEU C 291 -23.05 -5.16 -5.19
C LEU C 291 -21.93 -4.24 -5.65
N ASN C 292 -21.34 -4.52 -6.81
CA ASN C 292 -20.17 -3.80 -7.32
C ASN C 292 -20.44 -3.45 -8.77
N PRO C 293 -21.30 -2.46 -9.05
CA PRO C 293 -21.67 -2.16 -10.44
C PRO C 293 -20.48 -1.81 -11.31
N SER C 294 -20.51 -2.31 -12.54
CA SER C 294 -19.51 -1.98 -13.53
C SER C 294 -19.54 -0.47 -13.82
N PRO C 295 -18.38 0.16 -14.04
CA PRO C 295 -18.38 1.59 -14.38
C PRO C 295 -18.74 1.90 -15.83
N LEU C 296 -18.77 0.91 -16.72
CA LEU C 296 -19.06 1.17 -18.13
C LEU C 296 -20.47 0.74 -18.50
N PRO D 18 52.12 -32.24 39.90
CA PRO D 18 52.60 -31.84 38.58
C PRO D 18 52.29 -32.92 37.53
N GLU D 19 52.66 -34.17 37.83
CA GLU D 19 52.35 -35.27 36.94
C GLU D 19 50.89 -35.68 37.05
N LEU D 20 50.30 -35.54 38.24
CA LEU D 20 48.87 -35.78 38.39
C LEU D 20 48.08 -34.77 37.58
N TYR D 21 48.47 -33.50 37.63
CA TYR D 21 47.80 -32.48 36.85
C TYR D 21 47.93 -32.75 35.35
N ALA D 22 49.09 -33.27 34.93
CA ALA D 22 49.22 -33.62 33.52
C ALA D 22 48.32 -34.78 33.14
N ARG D 23 48.06 -35.70 34.08
CA ARG D 23 47.13 -36.79 33.80
C ARG D 23 45.70 -36.29 33.77
N TYR D 24 45.38 -35.36 34.67
CA TYR D 24 44.02 -34.80 34.71
C TYR D 24 43.70 -34.02 33.43
N THR D 25 44.62 -33.16 32.97
CA THR D 25 44.33 -32.40 31.76
C THR D 25 44.23 -33.31 30.55
N GLN D 26 45.02 -34.40 30.54
CA GLN D 26 44.89 -35.39 29.47
C GLN D 26 43.51 -36.02 29.48
N ALA D 27 42.99 -36.35 30.66
CA ALA D 27 41.63 -36.88 30.79
C ALA D 27 40.60 -35.92 30.23
N VAL D 28 40.68 -34.64 30.64
CA VAL D 28 39.77 -33.61 30.14
C VAL D 28 39.80 -33.57 28.63
N ARG D 29 41.00 -33.54 28.03
CA ARG D 29 41.11 -33.46 26.58
C ARG D 29 40.55 -34.71 25.93
N ASN D 30 40.77 -35.88 26.53
CA ASN D 30 40.18 -37.09 25.98
C ASN D 30 38.66 -37.03 26.04
N TYR D 31 38.13 -36.45 27.13
CA TYR D 31 36.67 -36.31 27.25
C TYR D 31 36.11 -35.41 26.15
N LYS D 32 36.77 -34.29 25.83
CA LYS D 32 36.20 -33.43 24.79
C LYS D 32 36.18 -34.13 23.44
N SER D 33 37.16 -35.00 23.16
CA SER D 33 37.25 -35.59 21.83
C SER D 33 36.27 -36.73 21.60
N ARG D 34 35.76 -37.32 22.68
CA ARG D 34 34.82 -38.46 22.55
C ARG D 34 33.37 -37.97 22.42
N LYS D 35 32.46 -38.83 21.97
CA LYS D 35 31.06 -38.42 21.83
C LYS D 35 30.44 -38.05 23.18
N HIS D 36 29.79 -36.89 23.25
CA HIS D 36 29.16 -36.47 24.52
C HIS D 36 28.27 -35.28 24.23
N TYR D 37 27.38 -34.99 25.18
CA TYR D 37 26.55 -33.81 25.05
C TYR D 37 27.39 -32.56 25.28
N ALA D 38 27.33 -31.61 24.33
CA ALA D 38 28.08 -30.38 24.46
C ALA D 38 27.44 -29.47 25.50
N VAL D 39 28.29 -28.79 26.26
CA VAL D 39 27.89 -27.65 27.07
C VAL D 39 28.76 -26.48 26.65
N CYS D 40 28.14 -25.45 26.07
CA CYS D 40 28.83 -24.23 25.67
C CYS D 40 28.29 -23.04 26.45
N VAL D 41 29.13 -22.03 26.63
CA VAL D 41 28.76 -20.87 27.43
C VAL D 41 29.13 -19.59 26.69
N ARG D 42 28.40 -18.52 26.98
CA ARG D 42 28.65 -17.19 26.45
C ARG D 42 29.12 -16.28 27.58
N PHE D 43 30.34 -15.77 27.46
CA PHE D 43 31.02 -15.12 28.58
C PHE D 43 31.32 -13.67 28.23
N ASP D 44 30.96 -12.78 29.16
CA ASP D 44 31.17 -11.34 29.04
C ASP D 44 32.60 -11.02 29.46
N ASN D 45 33.54 -11.12 28.52
CA ASN D 45 34.96 -10.99 28.82
C ASN D 45 35.39 -9.54 28.72
N GLY D 46 36.61 -9.26 29.19
CA GLY D 46 37.22 -7.97 29.01
C GLY D 46 37.16 -7.04 30.21
N HIS D 47 36.39 -7.36 31.24
CA HIS D 47 36.32 -6.49 32.39
C HIS D 47 37.42 -6.84 33.39
N SER D 48 37.57 -5.99 34.40
CA SER D 48 38.52 -6.28 35.46
C SER D 48 38.09 -5.47 36.68
N GLY D 49 38.71 -5.79 37.81
CA GLY D 49 38.41 -5.18 39.08
C GLY D 49 37.69 -6.11 40.04
N ASP D 50 36.98 -7.12 39.53
CA ASP D 50 36.20 -8.00 40.38
C ASP D 50 36.90 -9.33 40.67
N GLY D 51 38.12 -9.52 40.19
CA GLY D 51 38.80 -10.77 40.45
C GLY D 51 38.41 -11.89 39.50
N GLU D 52 38.31 -13.11 40.04
CA GLU D 52 38.35 -14.30 39.20
C GLU D 52 37.22 -14.31 38.17
N LYS D 53 36.02 -13.89 38.55
CA LYS D 53 34.88 -13.95 37.63
C LYS D 53 35.04 -13.08 36.39
N ASP D 54 36.00 -12.15 36.37
CA ASP D 54 36.23 -11.36 35.17
C ASP D 54 37.02 -12.12 34.11
N PHE D 55 37.70 -13.21 34.48
CA PHE D 55 38.73 -13.81 33.65
C PHE D 55 38.29 -15.13 33.05
N LEU D 56 38.81 -15.38 31.85
CA LEU D 56 38.51 -16.63 31.17
C LEU D 56 38.99 -17.84 31.94
N ARG D 57 40.10 -17.71 32.70
CA ARG D 57 40.65 -18.87 33.39
C ARG D 57 39.74 -19.39 34.49
N SER D 58 38.66 -18.66 34.82
CA SER D 58 37.69 -19.15 35.78
C SER D 58 36.70 -20.14 35.17
N MET D 59 36.70 -20.33 33.84
CA MET D 59 35.76 -21.25 33.22
C MET D 59 35.99 -22.68 33.73
N PRO D 60 34.93 -23.45 33.99
CA PRO D 60 35.13 -24.88 34.24
C PRO D 60 35.97 -25.51 33.14
N ASP D 61 36.90 -26.37 33.55
CA ASP D 61 37.74 -27.09 32.60
C ASP D 61 36.91 -27.94 31.63
N SER D 62 35.74 -28.39 32.06
CA SER D 62 34.97 -29.36 31.29
C SER D 62 34.02 -28.74 30.25
N ILE D 63 33.87 -27.42 30.16
CA ILE D 63 33.01 -26.86 29.11
C ILE D 63 33.60 -27.17 27.73
N ASP D 64 32.72 -27.26 26.74
CA ASP D 64 33.20 -27.57 25.40
C ASP D 64 33.62 -26.33 24.63
N ALA D 65 32.94 -25.20 24.84
CA ALA D 65 33.22 -23.99 24.07
C ALA D 65 32.81 -22.77 24.88
N VAL D 66 33.64 -21.73 24.82
CA VAL D 66 33.31 -20.43 25.40
C VAL D 66 33.25 -19.40 24.29
N ILE D 67 32.12 -18.71 24.19
CA ILE D 67 31.92 -17.67 23.19
C ILE D 67 32.24 -16.33 23.84
N LEU D 68 33.20 -15.63 23.24
CA LEU D 68 33.67 -14.33 23.75
C LEU D 68 32.74 -13.24 23.22
N GLU D 69 31.86 -12.75 24.09
CA GLU D 69 31.07 -11.55 23.83
C GLU D 69 31.86 -10.35 23.31
N ASN D 70 33.07 -10.14 23.81
CA ASN D 70 33.81 -8.93 23.46
C ASN D 70 35.15 -9.30 22.85
N ALA D 71 35.11 -9.91 21.67
CA ALA D 71 36.32 -10.49 21.10
C ALA D 71 37.00 -9.57 20.08
N ALA D 72 36.42 -8.39 19.83
CA ALA D 72 36.95 -7.49 18.80
C ALA D 72 38.37 -7.05 19.13
N THR D 73 38.63 -6.65 20.37
CA THR D 73 39.99 -6.39 20.83
C THR D 73 40.15 -7.05 22.20
N LEU D 74 41.16 -7.89 22.33
CA LEU D 74 41.36 -8.67 23.54
C LEU D 74 42.45 -8.04 24.38
N ASN D 75 42.21 -7.95 25.68
CA ASN D 75 43.22 -7.39 26.57
C ASN D 75 44.25 -8.46 26.94
N SER D 76 45.18 -8.09 27.83
CA SER D 76 46.28 -8.97 28.18
C SER D 76 45.76 -10.23 28.87
N ALA D 77 44.78 -10.07 29.76
CA ALA D 77 44.33 -11.21 30.56
C ALA D 77 43.72 -12.30 29.67
N ASP D 78 43.01 -11.88 28.62
CA ASP D 78 42.39 -12.86 27.73
C ASP D 78 43.41 -13.54 26.83
N LEU D 79 44.41 -12.79 26.38
CA LEU D 79 45.38 -13.36 25.41
C LEU D 79 46.23 -14.40 26.14
N GLU D 80 46.37 -14.28 27.45
CA GLU D 80 47.06 -15.30 28.24
C GLU D 80 46.11 -16.45 28.56
N ASP D 81 44.82 -16.15 28.80
CA ASP D 81 44.01 -17.29 29.21
C ASP D 81 43.62 -18.17 28.01
N ILE D 82 43.51 -17.61 26.80
CA ILE D 82 42.97 -18.38 25.67
C ILE D 82 43.83 -19.59 25.31
N PRO D 83 45.16 -19.48 25.14
CA PRO D 83 45.91 -20.70 24.80
C PRO D 83 45.97 -21.69 25.94
N VAL D 84 45.87 -21.25 27.19
CA VAL D 84 45.81 -22.20 28.30
C VAL D 84 44.56 -23.06 28.19
N LEU D 85 43.39 -22.41 28.01
CA LEU D 85 42.15 -23.17 27.81
C LEU D 85 42.28 -24.18 26.69
N GLN D 86 42.82 -23.73 25.56
CA GLN D 86 42.94 -24.58 24.39
C GLN D 86 43.95 -25.70 24.64
N THR D 87 45.13 -25.35 25.10
CA THR D 87 46.21 -26.34 25.22
C THR D 87 45.93 -27.34 26.34
N ASN D 88 45.57 -26.84 27.53
CA ASN D 88 45.36 -27.73 28.67
C ASN D 88 44.08 -28.54 28.54
N PHE D 89 43.00 -27.92 28.09
CA PHE D 89 41.70 -28.56 28.22
C PHE D 89 40.96 -28.79 26.92
N ALA D 90 41.53 -28.39 25.79
CA ALA D 90 40.87 -28.52 24.48
C ALA D 90 39.52 -27.81 24.45
N THR D 91 39.38 -26.75 25.26
CA THR D 91 38.20 -25.87 25.22
C THR D 91 38.27 -24.96 24.00
N LYS D 92 37.15 -24.84 23.26
CA LYS D 92 37.08 -24.00 22.07
C LYS D 92 36.73 -22.57 22.46
N VAL D 93 37.36 -21.62 21.80
CA VAL D 93 37.13 -20.21 22.09
C VAL D 93 36.65 -19.54 20.82
N LEU D 94 35.43 -18.99 20.87
CA LEU D 94 34.77 -18.51 19.67
C LEU D 94 34.54 -16.99 19.76
N PHE D 95 34.62 -16.37 18.58
CA PHE D 95 34.33 -14.96 18.43
C PHE D 95 32.81 -14.78 18.38
N SER D 96 32.29 -13.85 19.17
CA SER D 96 30.87 -13.52 19.04
C SER D 96 30.70 -12.50 17.91
N PHE D 97 30.00 -12.89 16.85
CA PHE D 97 29.71 -11.99 15.75
C PHE D 97 28.23 -11.63 15.78
N ASN D 98 27.92 -10.38 16.13
CA ASN D 98 26.54 -9.90 16.21
C ASN D 98 26.12 -9.36 14.85
N LEU D 99 25.55 -10.23 14.01
CA LEU D 99 25.18 -9.79 12.67
C LEU D 99 24.02 -8.81 12.73
N THR D 100 23.09 -9.02 13.66
CA THR D 100 21.94 -8.13 13.81
C THR D 100 22.40 -6.68 13.96
N SER D 101 23.39 -6.45 14.81
CA SER D 101 23.83 -5.08 15.09
C SER D 101 24.43 -4.43 13.85
N ILE D 102 25.17 -5.20 13.04
CA ILE D 102 25.77 -4.62 11.84
C ILE D 102 24.68 -4.09 10.92
N LYS D 103 23.67 -4.92 10.66
CA LYS D 103 22.58 -4.52 9.77
C LYS D 103 21.83 -3.32 10.32
N GLU D 104 21.52 -3.35 11.63
CA GLU D 104 20.81 -2.24 12.25
C GLU D 104 21.63 -0.96 12.19
N ASN D 105 22.95 -1.05 12.38
CA ASN D 105 23.79 0.15 12.34
C ASN D 105 23.82 0.75 10.95
N ALA D 106 24.01 -0.09 9.94
CA ALA D 106 24.12 0.40 8.57
C ALA D 106 22.82 1.04 8.12
N GLU D 107 21.69 0.41 8.45
CA GLU D 107 20.40 0.97 8.09
C GLU D 107 20.16 2.31 8.78
N SER D 108 20.35 2.34 10.11
CA SER D 108 20.05 3.55 10.86
C SER D 108 21.01 4.69 10.56
N SER D 109 22.18 4.42 9.96
CA SER D 109 23.12 5.48 9.62
C SER D 109 23.21 5.74 8.13
N GLY D 110 22.42 5.04 7.32
CA GLY D 110 22.40 5.32 5.89
C GLY D 110 23.65 4.88 5.16
N GLN D 111 24.23 3.75 5.57
CA GLN D 111 25.43 3.23 4.95
C GLN D 111 25.13 1.91 4.26
N GLU D 112 25.80 1.66 3.15
CA GLU D 112 25.62 0.37 2.47
C GLU D 112 26.10 -0.75 3.40
N ILE D 113 25.48 -1.92 3.26
CA ILE D 113 25.70 -2.97 4.25
C ILE D 113 27.15 -3.44 4.24
N LYS D 114 27.75 -3.60 3.03
CA LYS D 114 29.16 -3.99 2.94
C LYS D 114 30.06 -3.04 3.68
N THR D 115 29.69 -1.77 3.75
CA THR D 115 30.57 -0.74 4.30
C THR D 115 30.91 -1.03 5.77
N LEU D 116 29.96 -1.58 6.52
CA LEU D 116 30.27 -2.00 7.88
C LEU D 116 30.42 -3.51 8.01
N LEU D 117 29.78 -4.30 7.14
CA LEU D 117 29.83 -5.74 7.35
C LEU D 117 31.19 -6.30 6.99
N ALA D 118 31.79 -5.82 5.91
CA ALA D 118 33.09 -6.36 5.49
C ALA D 118 34.17 -6.02 6.50
N PRO D 119 34.37 -4.77 6.92
CA PRO D 119 35.34 -4.50 8.00
C PRO D 119 35.10 -5.30 9.26
N ALA D 120 33.84 -5.53 9.65
CA ALA D 120 33.56 -6.31 10.84
C ALA D 120 33.89 -7.78 10.63
N LEU D 121 33.62 -8.29 9.43
CA LEU D 121 34.02 -9.66 9.13
C LEU D 121 35.54 -9.80 9.08
N GLU D 122 36.29 -8.78 8.62
CA GLU D 122 37.73 -8.99 8.64
C GLU D 122 38.29 -8.87 10.06
N GLN D 123 37.68 -8.05 10.90
CA GLN D 123 38.07 -8.05 12.31
C GLN D 123 37.90 -9.45 12.90
N MET D 124 36.73 -10.06 12.71
CA MET D 124 36.50 -11.40 13.22
C MET D 124 37.54 -12.39 12.69
N VAL D 125 37.82 -12.34 11.38
CA VAL D 125 38.80 -13.25 10.79
C VAL D 125 40.20 -12.96 11.35
N SER D 126 40.56 -11.67 11.48
CA SER D 126 41.82 -11.29 12.13
C SER D 126 41.94 -11.91 13.52
N ALA D 127 40.91 -11.73 14.36
CA ALA D 127 40.93 -12.30 15.69
C ALA D 127 41.12 -13.82 15.65
N ILE D 128 40.47 -14.49 14.71
CA ILE D 128 40.65 -15.93 14.61
C ILE D 128 42.09 -16.27 14.21
N THR D 129 42.66 -15.52 13.26
CA THR D 129 44.01 -15.84 12.78
C THR D 129 45.08 -15.29 13.71
N ASP D 130 45.04 -13.99 14.00
CA ASP D 130 46.05 -13.42 14.88
C ASP D 130 46.02 -14.09 16.25
N ASN D 131 44.91 -13.95 16.97
CA ASN D 131 44.81 -14.44 18.34
C ASN D 131 44.46 -15.92 18.45
N GLY D 132 44.41 -16.65 17.34
CA GLY D 132 44.25 -18.09 17.41
C GLY D 132 42.92 -18.60 17.94
N LEU D 133 41.84 -17.82 17.85
CA LEU D 133 40.54 -18.32 18.22
C LEU D 133 40.15 -19.50 17.34
N ASP D 134 39.26 -20.35 17.84
CA ASP D 134 38.90 -21.58 17.16
C ASP D 134 37.75 -21.40 16.18
N GLY D 135 37.18 -20.21 16.10
CA GLY D 135 36.08 -19.94 15.20
C GLY D 135 35.20 -18.83 15.74
N ALA D 136 33.91 -18.89 15.37
CA ALA D 136 33.01 -17.82 15.76
C ALA D 136 31.59 -18.34 15.90
N SER D 137 30.80 -17.58 16.65
CA SER D 137 29.37 -17.82 16.76
C SER D 137 28.64 -16.63 16.15
N ILE D 138 27.82 -16.88 15.12
CA ILE D 138 27.13 -15.82 14.39
C ILE D 138 25.72 -15.69 14.95
N SER D 139 25.38 -14.50 15.46
CA SER D 139 24.03 -14.24 15.92
C SER D 139 23.31 -13.30 14.96
N TYR D 140 22.07 -13.64 14.64
CA TYR D 140 21.24 -12.86 13.73
C TYR D 140 19.79 -13.07 14.13
N THR D 141 19.05 -11.96 14.31
CA THR D 141 17.62 -12.01 14.65
C THR D 141 16.82 -11.08 13.75
N GLY D 142 17.35 -10.77 12.58
CA GLY D 142 16.61 -10.01 11.60
C GLY D 142 15.87 -10.92 10.64
N ASP D 143 15.42 -10.24 9.57
CA ASP D 143 14.64 -10.91 8.52
C ASP D 143 15.54 -11.86 7.77
N ILE D 144 15.03 -13.06 7.54
CA ILE D 144 15.93 -14.04 6.99
C ILE D 144 15.69 -14.16 5.50
N GLY D 145 15.25 -13.06 4.90
CA GLY D 145 15.00 -13.00 3.48
C GLY D 145 13.89 -13.88 3.00
N LEU D 146 12.96 -14.31 3.87
CA LEU D 146 11.75 -14.99 3.44
C LEU D 146 10.55 -14.05 3.39
N GLY D 147 10.81 -12.76 3.11
CA GLY D 147 9.77 -11.77 3.01
C GLY D 147 9.20 -11.68 1.61
N ASN D 148 9.15 -10.46 1.05
CA ASN D 148 8.50 -10.25 -0.24
C ASN D 148 9.34 -9.38 -1.16
N ASN D 149 9.41 -8.08 -0.85
CA ASN D 149 10.15 -7.09 -1.64
C ASN D 149 11.52 -7.64 -2.04
N ALA D 150 11.77 -7.66 -3.36
CA ALA D 150 12.92 -8.35 -3.91
C ALA D 150 14.20 -7.52 -3.92
N ALA D 151 14.11 -6.21 -3.71
CA ALA D 151 15.36 -5.47 -3.54
C ALA D 151 15.83 -5.51 -2.09
N VAL D 152 14.92 -5.79 -1.15
CA VAL D 152 15.30 -6.13 0.22
C VAL D 152 15.83 -7.56 0.32
N ASN D 153 14.97 -8.56 0.01
CA ASN D 153 15.43 -9.93 -0.20
C ASN D 153 16.79 -10.04 -0.89
N ALA D 154 16.98 -9.34 -2.02
CA ALA D 154 18.28 -9.42 -2.67
C ALA D 154 19.39 -8.87 -1.78
N SER D 155 19.08 -7.92 -0.92
CA SER D 155 20.15 -7.35 -0.12
C SER D 155 20.42 -8.17 1.14
N ILE D 156 19.46 -9.00 1.56
CA ILE D 156 19.70 -9.99 2.60
C ILE D 156 20.52 -11.16 2.08
N THR D 157 20.21 -11.62 0.86
CA THR D 157 21.06 -12.62 0.19
C THR D 157 22.48 -12.09 0.04
N GLU D 158 22.63 -10.83 -0.37
CA GLU D 158 23.97 -10.25 -0.49
C GLU D 158 24.69 -10.26 0.85
N MET D 159 23.97 -9.91 1.92
CA MET D 159 24.56 -9.91 3.25
C MET D 159 25.02 -11.30 3.66
N ARG D 160 24.16 -12.31 3.49
CA ARG D 160 24.50 -13.67 3.86
C ARG D 160 25.66 -14.19 3.04
N GLN D 161 25.68 -13.87 1.74
CA GLN D 161 26.77 -14.33 0.89
C GLN D 161 28.11 -13.78 1.35
N LEU D 162 28.11 -12.58 1.90
CA LEU D 162 29.38 -11.98 2.24
C LEU D 162 29.95 -12.69 3.47
N LEU D 163 29.06 -12.97 4.44
CA LEU D 163 29.40 -13.78 5.61
C LEU D 163 29.93 -15.16 5.22
N LEU D 164 29.17 -15.87 4.37
CA LEU D 164 29.56 -17.23 4.01
C LEU D 164 30.86 -17.25 3.23
N ASP D 165 31.16 -16.15 2.50
CA ASP D 165 32.44 -16.04 1.80
C ASP D 165 33.58 -15.82 2.78
N LYS D 166 33.32 -15.12 3.86
CA LYS D 166 34.35 -15.00 4.88
C LYS D 166 34.60 -16.31 5.59
N ILE D 167 33.55 -17.01 6.02
CA ILE D 167 33.79 -18.11 6.96
C ILE D 167 33.97 -19.48 6.32
N THR D 168 33.47 -19.71 5.11
CA THR D 168 33.61 -21.04 4.52
C THR D 168 35.07 -21.47 4.33
N PRO D 169 36.00 -20.61 3.89
CA PRO D 169 37.40 -21.03 3.89
C PRO D 169 37.88 -21.45 5.25
N LEU D 170 37.60 -20.65 6.28
CA LEU D 170 37.99 -21.00 7.64
C LEU D 170 37.36 -22.33 8.08
N ALA D 171 36.08 -22.54 7.79
CA ALA D 171 35.45 -23.79 8.18
C ALA D 171 36.13 -24.97 7.49
N LYS D 172 36.57 -24.79 6.24
CA LYS D 172 37.27 -25.85 5.52
C LYS D 172 38.66 -26.13 6.08
N ASN D 173 39.24 -25.19 6.84
CA ASN D 173 40.51 -25.41 7.51
C ASN D 173 40.34 -25.81 8.98
N GLY D 174 39.19 -26.36 9.34
CA GLY D 174 38.95 -26.86 10.68
C GLY D 174 38.37 -25.86 11.69
N LYS D 175 38.36 -24.55 11.40
CA LYS D 175 37.70 -23.61 12.30
C LYS D 175 36.21 -23.91 12.37
N ILE D 176 35.60 -23.66 13.53
CA ILE D 176 34.19 -24.03 13.70
C ILE D 176 33.32 -22.79 13.87
N PHE D 177 32.07 -22.96 13.46
CA PHE D 177 31.11 -21.87 13.46
C PHE D 177 29.77 -22.36 13.96
N PHE D 178 29.18 -21.57 14.85
CA PHE D 178 27.82 -21.76 15.34
C PHE D 178 26.94 -20.72 14.69
N LEU D 179 25.68 -21.08 14.49
CA LEU D 179 24.69 -20.11 14.05
C LEU D 179 23.66 -19.96 15.16
N GLU D 180 23.66 -18.80 15.80
CA GLU D 180 22.61 -18.44 16.76
C GLU D 180 21.59 -17.64 15.96
N SER D 181 20.67 -18.35 15.33
CA SER D 181 19.66 -17.75 14.45
C SER D 181 18.65 -18.83 14.08
N ASN D 182 17.72 -18.47 13.20
CA ASN D 182 16.84 -19.45 12.58
C ASN D 182 17.59 -20.19 11.49
N PRO D 183 17.62 -21.54 11.53
CA PRO D 183 18.37 -22.28 10.50
C PRO D 183 17.92 -22.00 9.07
N LEU D 184 16.63 -21.70 8.85
CA LEU D 184 16.14 -21.39 7.50
C LEU D 184 16.87 -20.21 6.89
N PHE D 185 17.61 -19.43 7.68
CA PHE D 185 18.40 -18.33 7.16
C PHE D 185 19.51 -18.83 6.25
N ILE D 186 19.92 -20.08 6.42
CA ILE D 186 21.06 -20.64 5.73
C ILE D 186 20.52 -21.57 4.65
N PRO D 187 20.73 -21.27 3.37
CA PRO D 187 20.39 -22.24 2.32
C PRO D 187 20.92 -23.62 2.64
N GLU D 188 20.11 -24.61 2.24
CA GLU D 188 20.47 -26.02 2.49
C GLU D 188 21.81 -26.33 1.82
N ALA D 189 22.12 -25.66 0.72
CA ALA D 189 23.42 -25.97 0.10
C ALA D 189 24.57 -25.66 1.04
N ASN D 190 24.41 -24.65 1.90
CA ASN D 190 25.48 -24.17 2.76
C ASN D 190 25.41 -24.70 4.19
N ARG D 191 24.50 -25.63 4.49
CA ARG D 191 24.22 -26.00 5.88
C ARG D 191 25.45 -26.56 6.59
N ASP D 192 26.36 -27.16 5.85
CA ASP D 192 27.50 -27.83 6.48
C ASP D 192 28.57 -26.86 6.96
N VAL D 193 28.43 -25.56 6.66
CA VAL D 193 29.41 -24.60 7.14
C VAL D 193 29.36 -24.51 8.66
N PHE D 194 28.19 -24.72 9.25
CA PHE D 194 27.99 -24.53 10.69
C PHE D 194 28.04 -25.87 11.42
N THR D 195 28.91 -25.97 12.43
CA THR D 195 28.98 -27.18 13.22
C THR D 195 27.75 -27.32 14.11
N ARG D 196 27.21 -26.20 14.61
CA ARG D 196 26.10 -26.22 15.55
C ARG D 196 25.06 -25.17 15.19
N TYR D 197 23.79 -25.53 15.39
CA TYR D 197 22.66 -24.63 15.18
C TYR D 197 22.02 -24.43 16.55
N VAL D 198 22.07 -23.18 17.04
CA VAL D 198 21.70 -22.85 18.42
C VAL D 198 20.32 -22.21 18.40
N LEU D 199 19.32 -22.91 18.94
CA LEU D 199 17.98 -22.38 19.02
C LEU D 199 17.87 -21.44 20.21
N ASN D 200 17.19 -20.31 20.02
CA ASN D 200 17.03 -19.38 21.13
C ASN D 200 15.75 -19.75 21.87
N THR D 201 15.91 -20.48 22.97
CA THR D 201 14.80 -21.00 23.72
C THR D 201 14.64 -20.31 25.07
N THR D 202 15.35 -19.18 25.29
CA THR D 202 15.36 -18.57 26.62
C THR D 202 13.98 -18.12 27.06
N SER D 203 13.12 -17.73 26.12
CA SER D 203 11.75 -17.37 26.46
C SER D 203 10.78 -18.54 26.27
N SER D 204 11.29 -19.76 26.12
CA SER D 204 10.42 -20.93 26.17
C SER D 204 10.06 -21.20 27.63
N LYS D 205 8.77 -21.41 27.89
CA LYS D 205 8.27 -21.54 29.24
C LYS D 205 8.08 -22.99 29.69
N ASN D 206 8.11 -23.95 28.77
CA ASN D 206 7.89 -25.35 29.11
C ASN D 206 8.59 -26.25 28.11
N ALA D 207 8.66 -27.54 28.46
CA ALA D 207 9.28 -28.53 27.57
C ALA D 207 8.53 -28.65 26.25
N SER D 208 7.23 -28.35 26.23
CA SER D 208 6.46 -28.54 25.00
C SER D 208 6.74 -27.44 23.98
N GLN D 209 6.96 -26.20 24.44
CA GLN D 209 7.48 -25.20 23.51
C GLN D 209 8.90 -25.56 23.05
N LEU D 210 9.68 -26.22 23.92
CA LEU D 210 11.01 -26.68 23.53
C LEU D 210 10.92 -27.65 22.34
N ARG D 211 10.12 -28.72 22.47
CA ARG D 211 9.96 -29.66 21.35
C ARG D 211 9.50 -28.99 20.08
N LEU D 212 8.52 -28.09 20.17
CA LEU D 212 8.05 -27.42 18.96
C LEU D 212 9.22 -26.80 18.22
N LEU D 213 10.04 -26.01 18.92
CA LEU D 213 11.20 -25.39 18.28
C LEU D 213 12.18 -26.43 17.79
N ILE D 214 12.46 -27.46 18.60
CA ILE D 214 13.39 -28.50 18.19
C ILE D 214 12.86 -29.23 16.97
N ASN D 215 11.58 -29.62 17.00
CA ASN D 215 11.02 -30.41 15.91
C ASN D 215 10.93 -29.61 14.62
N GLU D 216 10.61 -28.31 14.73
CA GLU D 216 10.65 -27.44 13.56
C GLU D 216 12.03 -27.43 12.93
N ALA D 217 13.06 -27.23 13.74
CA ALA D 217 14.42 -27.22 13.23
C ALA D 217 14.77 -28.55 12.57
N ILE D 218 14.41 -29.66 13.21
CA ILE D 218 14.74 -30.97 12.66
C ILE D 218 13.91 -31.24 11.41
N TYR D 219 12.58 -31.31 11.57
CA TYR D 219 11.77 -31.82 10.47
C TYR D 219 11.41 -30.76 9.45
N TYR D 220 11.06 -29.55 9.88
CA TYR D 220 10.76 -28.52 8.88
C TYR D 220 12.03 -27.86 8.34
N ALA D 221 13.10 -27.73 9.12
CA ALA D 221 14.30 -27.08 8.60
C ALA D 221 15.37 -28.06 8.15
N GLY D 222 15.34 -29.31 8.64
CA GLY D 222 16.29 -30.30 8.18
C GLY D 222 17.60 -30.37 8.93
N ILE D 223 17.72 -29.73 10.09
CA ILE D 223 18.98 -29.85 10.82
C ILE D 223 19.06 -31.23 11.46
N PRO D 224 20.18 -31.95 11.32
CA PRO D 224 20.37 -33.15 12.14
C PRO D 224 20.35 -32.79 13.62
N SER D 225 19.81 -33.70 14.42
CA SER D 225 19.56 -33.36 15.82
C SER D 225 20.87 -33.20 16.58
N ASP D 226 21.92 -33.93 16.21
CA ASP D 226 23.20 -33.84 16.90
C ASP D 226 23.86 -32.47 16.75
N LYS D 227 23.42 -31.67 15.80
CA LYS D 227 23.96 -30.34 15.62
C LYS D 227 23.16 -29.27 16.35
N LEU D 228 22.07 -29.66 17.01
CA LEU D 228 21.20 -28.70 17.68
C LEU D 228 21.66 -28.49 19.12
N LEU D 229 21.68 -27.21 19.53
CA LEU D 229 21.83 -26.80 20.92
C LEU D 229 20.62 -25.93 21.26
N ILE D 230 20.10 -26.09 22.47
CA ILE D 230 19.12 -25.13 23.01
C ILE D 230 19.84 -24.20 23.97
N THR D 231 19.18 -23.09 24.30
CA THR D 231 19.80 -22.05 25.11
C THR D 231 19.05 -21.86 26.43
N GLY D 232 19.81 -21.77 27.52
CA GLY D 232 19.29 -21.37 28.81
C GLY D 232 20.04 -20.16 29.34
N ASP D 233 19.48 -19.57 30.39
CA ASP D 233 20.06 -18.39 30.99
C ASP D 233 20.03 -18.54 32.50
N PRO D 234 21.16 -18.37 33.19
CA PRO D 234 21.17 -18.58 34.65
C PRO D 234 20.21 -17.69 35.42
N GLU D 235 19.87 -16.52 34.92
CA GLU D 235 19.03 -15.55 35.67
C GLU D 235 17.54 -15.78 35.41
N LEU D 236 17.18 -16.85 34.73
CA LEU D 236 15.81 -17.19 34.41
C LEU D 236 15.40 -18.48 35.14
N MET D 237 14.14 -18.52 35.54
CA MET D 237 13.49 -19.70 36.10
C MET D 237 12.53 -20.26 35.06
N THR D 238 12.07 -21.48 35.30
CA THR D 238 11.08 -22.15 34.46
C THR D 238 10.27 -23.09 35.34
N THR D 239 9.32 -23.80 34.74
CA THR D 239 8.49 -24.75 35.49
C THR D 239 8.83 -26.18 35.08
N ASP D 240 9.02 -27.05 36.07
CA ASP D 240 9.56 -28.38 35.79
C ASP D 240 8.42 -29.38 35.56
N ASN D 241 8.74 -30.68 35.57
CA ASN D 241 7.77 -31.74 35.33
C ASN D 241 7.02 -32.15 36.60
N ASN D 242 7.45 -31.67 37.75
CA ASN D 242 6.65 -31.73 38.98
C ASN D 242 5.74 -30.52 39.09
N ASP D 243 5.79 -29.64 38.09
CA ASP D 243 4.92 -28.49 37.87
C ASP D 243 5.34 -27.37 38.83
N GLY D 244 6.62 -27.36 39.24
CA GLY D 244 7.15 -26.35 40.14
C GLY D 244 8.21 -25.47 39.50
N LEU D 245 8.61 -24.43 40.24
CA LEU D 245 9.55 -23.43 39.75
C LEU D 245 11.00 -23.86 40.00
N VAL D 246 11.81 -23.86 38.94
CA VAL D 246 13.20 -24.29 38.99
C VAL D 246 14.03 -23.39 38.08
N SER D 247 15.35 -23.43 38.27
CA SER D 247 16.26 -22.70 37.41
C SER D 247 16.15 -23.18 35.96
N GLN D 248 16.24 -22.25 35.01
CA GLN D 248 16.11 -22.64 33.62
C GLN D 248 17.23 -23.57 33.17
N VAL D 249 18.48 -23.28 33.57
CA VAL D 249 19.63 -24.03 33.03
C VAL D 249 19.57 -25.51 33.40
N PRO D 250 19.45 -25.91 34.68
CA PRO D 250 19.37 -27.36 34.97
C PRO D 250 18.19 -28.05 34.32
N PHE D 251 17.05 -27.38 34.19
CA PHE D 251 15.90 -28.05 33.57
C PHE D 251 16.11 -28.21 32.07
N PHE D 252 16.58 -27.16 31.39
CA PHE D 252 16.88 -27.25 29.96
C PHE D 252 17.94 -28.32 29.67
N ALA D 253 18.92 -28.46 30.58
CA ALA D 253 19.91 -29.53 30.46
C ALA D 253 19.25 -30.90 30.33
N ILE D 254 18.27 -31.17 31.18
CA ILE D 254 17.52 -32.43 31.10
C ILE D 254 16.75 -32.52 29.79
N GLN D 255 16.16 -31.40 29.37
CA GLN D 255 15.41 -31.36 28.12
C GLN D 255 16.29 -31.63 26.91
N VAL D 256 17.60 -31.38 27.02
CA VAL D 256 18.53 -31.78 25.96
C VAL D 256 18.31 -33.24 25.60
N ILE D 257 18.06 -34.07 26.62
CA ILE D 257 17.79 -35.48 26.38
C ILE D 257 16.30 -35.75 26.19
N ASP D 258 15.47 -35.30 27.14
CA ASP D 258 14.06 -35.68 27.14
C ASP D 258 13.29 -35.06 25.98
N CYS D 259 13.75 -33.92 25.45
CA CYS D 259 13.05 -33.34 24.30
C CYS D 259 13.66 -33.81 22.99
N GLY D 260 13.97 -35.10 22.94
CA GLY D 260 14.56 -35.72 21.77
C GLY D 260 16.03 -35.47 21.87
N PRO D 261 16.83 -36.55 21.94
CA PRO D 261 18.27 -36.36 22.18
C PRO D 261 18.84 -35.43 21.11
N ILE D 262 19.17 -34.20 21.51
CA ILE D 262 19.84 -33.26 20.59
C ILE D 262 21.30 -33.14 21.02
N GLY D 263 22.00 -32.14 20.47
CA GLY D 263 23.45 -32.08 20.63
C GLY D 263 23.90 -31.51 21.96
N GLY D 264 23.17 -30.57 22.51
CA GLY D 264 23.59 -30.11 23.82
C GLY D 264 22.99 -28.75 24.15
N LEU D 265 23.71 -28.02 25.01
CA LEU D 265 23.19 -26.86 25.71
C LEU D 265 24.13 -25.67 25.54
N MET D 266 23.55 -24.52 25.27
CA MET D 266 24.25 -23.26 25.25
C MET D 266 23.76 -22.45 26.45
N ILE D 267 24.69 -22.04 27.31
CA ILE D 267 24.38 -21.22 28.48
C ILE D 267 24.81 -19.80 28.17
N GLN D 268 23.86 -18.96 27.77
CA GLN D 268 24.18 -17.55 27.64
C GLN D 268 24.27 -16.96 29.03
N ASN D 269 24.91 -15.78 29.12
CA ASN D 269 24.97 -15.02 30.37
C ASN D 269 25.60 -15.83 31.51
N VAL D 270 26.70 -16.52 31.22
CA VAL D 270 27.26 -17.48 32.17
C VAL D 270 27.91 -16.78 33.36
N ALA D 271 28.30 -15.51 33.20
CA ALA D 271 28.82 -14.74 34.33
C ALA D 271 27.83 -14.70 35.49
N ALA D 272 26.53 -14.61 35.20
CA ALA D 272 25.54 -14.63 36.26
C ALA D 272 25.64 -15.88 37.13
N ASP D 273 26.09 -17.00 36.55
CA ASP D 273 26.20 -18.27 37.26
C ASP D 273 27.41 -18.35 38.18
N TYR D 274 28.26 -17.31 38.21
CA TYR D 274 29.55 -17.44 38.88
C TYR D 274 29.41 -17.86 40.34
N SER D 275 28.50 -17.22 41.08
CA SER D 275 28.52 -17.33 42.54
C SER D 275 27.13 -17.53 43.10
N HIS D 276 26.85 -18.73 43.66
CA HIS D 276 25.57 -19.01 44.33
C HIS D 276 25.54 -20.48 44.75
N ALA D 277 26.71 -20.98 45.17
CA ALA D 277 26.95 -22.32 45.71
C ALA D 277 28.35 -22.32 46.32
N ASN D 278 28.73 -23.46 46.92
CA ASN D 278 30.10 -23.55 47.43
C ASN D 278 31.10 -23.88 46.32
N ILE D 279 30.61 -24.13 45.12
CA ILE D 279 31.44 -24.26 43.95
C ILE D 279 31.04 -23.15 42.98
N THR D 280 31.95 -22.83 42.09
CA THR D 280 31.76 -21.71 41.21
C THR D 280 31.07 -22.24 39.95
N TYR D 281 30.32 -21.37 39.27
CA TYR D 281 29.50 -21.78 38.10
C TYR D 281 28.67 -23.04 38.39
N LYS D 282 27.83 -22.93 39.43
CA LYS D 282 27.06 -24.09 39.89
C LYS D 282 26.30 -24.77 38.77
N GLU D 283 25.55 -24.01 37.98
CA GLU D 283 24.63 -24.62 37.04
C GLU D 283 25.34 -25.11 35.79
N THR D 284 26.38 -24.40 35.35
CA THR D 284 27.22 -24.93 34.28
C THR D 284 27.77 -26.30 34.65
N ARG D 285 28.35 -26.41 35.86
CA ARG D 285 28.92 -27.69 36.30
C ARG D 285 27.83 -28.73 36.47
N GLY D 286 26.70 -28.34 37.05
CA GLY D 286 25.57 -29.26 37.18
C GLY D 286 25.10 -29.79 35.83
N ALA D 287 25.04 -28.92 34.81
CA ALA D 287 24.57 -29.37 33.50
C ALA D 287 25.54 -30.37 32.87
N ILE D 288 26.84 -30.12 32.98
CA ILE D 288 27.83 -31.07 32.46
C ILE D 288 27.72 -32.42 33.18
N GLN D 289 27.54 -32.40 34.50
CA GLN D 289 27.47 -33.66 35.25
C GLN D 289 26.13 -34.37 35.05
N THR D 290 25.04 -33.62 34.81
CA THR D 290 23.77 -34.26 34.48
C THR D 290 23.83 -34.93 33.11
N LEU D 291 24.44 -34.25 32.14
CA LEU D 291 24.47 -34.74 30.76
C LEU D 291 25.54 -35.81 30.57
N ASN D 292 26.70 -35.65 31.23
CA ASN D 292 27.85 -36.53 31.03
C ASN D 292 28.44 -36.89 32.39
N PRO D 293 27.78 -37.78 33.13
CA PRO D 293 28.23 -38.07 34.51
C PRO D 293 29.67 -38.57 34.56
N SER D 294 30.41 -38.07 35.53
CA SER D 294 31.74 -38.60 35.79
C SER D 294 31.65 -40.09 36.08
N PRO D 295 32.66 -40.88 35.67
CA PRO D 295 32.67 -42.32 36.02
C PRO D 295 33.22 -42.61 37.41
N LEU D 296 33.82 -41.64 38.07
CA LEU D 296 34.44 -41.82 39.38
C LEU D 296 33.56 -41.16 40.42
N LYS D 297 32.89 -41.97 41.24
CA LYS D 297 32.03 -41.48 42.30
C LYS D 297 32.50 -42.07 43.64
#